data_7XMJ
#
_entry.id   7XMJ
#
_cell.length_a   147.714
_cell.length_b   147.714
_cell.length_c   135.389
_cell.angle_alpha   90.000
_cell.angle_beta   90.000
_cell.angle_gamma   120.000
#
_symmetry.space_group_name_H-M   'P 63'
#
loop_
_entity.id
_entity.type
_entity.pdbx_description
1 polymer 'Acetylxylan esterase'
2 non-polymer 'CALCIUM ION'
3 water water
#
_entity_poly.entity_id   1
_entity_poly.type   'polypeptide(L)'
_entity_poly.pdbx_seq_one_letter_code
;MTKINNWQDYQGSSLKPEDFDKFWDEKINLVSNHQFEFELIEKNLSSKVVNFYHLWFTAIDGAKIHAQLIVPKNLKEKYP
AILQFHGYHCDSGDWVDKIGIVAEGNVVLALDCRGQGGLSQDNIQTMGMTMKGLIVRGIDEGYENLYYVRQFMDLITATK
ILSEFDFVDETNISAQGASQGGALAVACAALSPLIKKVTATYPFLSDYRKAYELGAEESAFEELPYWFQFKDPLHLREDW
FFNQLEYIDIQNLAPRIKAEVIWILGGKDTVVPPITQMAAYNKIQSKKSLYVLPEYGHEYLPKISDWLRENQ
;
_entity_poly.pdbx_strand_id   A,B,C,D
#
loop_
_chem_comp.id
_chem_comp.type
_chem_comp.name
_chem_comp.formula
CA non-polymer 'CALCIUM ION' 'Ca 2'
#
# COMPACT_ATOMS: atom_id res chain seq x y z
N TRP A 7 25.20 -13.18 -30.55
CA TRP A 7 24.97 -12.79 -29.17
C TRP A 7 25.08 -11.28 -29.00
N GLN A 8 25.85 -10.66 -29.89
CA GLN A 8 26.04 -9.22 -29.87
C GLN A 8 24.72 -8.48 -30.04
N ASP A 9 23.89 -8.93 -30.98
CA ASP A 9 22.66 -8.23 -31.35
C ASP A 9 21.46 -8.51 -30.45
N TYR A 10 21.57 -9.35 -29.44
CA TYR A 10 20.42 -9.59 -28.57
C TYR A 10 20.15 -8.34 -27.74
N GLN A 11 18.96 -7.76 -27.94
CA GLN A 11 18.58 -6.50 -27.32
C GLN A 11 17.84 -6.66 -26.00
N GLY A 12 17.61 -7.89 -25.56
CA GLY A 12 16.88 -8.13 -24.33
C GLY A 12 15.38 -8.16 -24.56
N SER A 13 14.66 -8.60 -23.53
CA SER A 13 13.22 -8.73 -23.59
C SER A 13 12.50 -7.76 -22.66
N SER A 14 13.20 -6.77 -22.13
CA SER A 14 12.62 -5.90 -21.12
C SER A 14 11.65 -4.90 -21.73
N LEU A 15 10.69 -4.47 -20.93
CA LEU A 15 9.71 -3.45 -21.30
C LEU A 15 9.86 -2.32 -20.30
N LYS A 16 10.95 -1.57 -20.44
CA LYS A 16 11.37 -0.58 -19.45
C LYS A 16 10.22 0.39 -19.14
N PRO A 17 9.81 0.50 -17.89
CA PRO A 17 8.71 1.38 -17.55
C PRO A 17 9.08 2.85 -17.72
N GLU A 18 8.04 3.65 -17.94
CA GLU A 18 8.22 5.09 -18.13
C GLU A 18 8.85 5.75 -16.90
N ASP A 19 8.51 5.26 -15.71
CA ASP A 19 8.95 5.84 -14.45
C ASP A 19 10.27 5.27 -13.94
N PHE A 20 10.91 4.37 -14.69
CA PHE A 20 12.05 3.63 -14.15
C PHE A 20 13.15 4.55 -13.66
N ASP A 21 13.61 5.48 -14.50
CA ASP A 21 14.73 6.32 -14.11
C ASP A 21 14.31 7.32 -13.04
N LYS A 22 13.09 7.86 -13.15
CA LYS A 22 12.58 8.76 -12.11
C LYS A 22 12.48 8.04 -10.78
N PHE A 23 12.08 6.76 -10.80
CA PHE A 23 11.97 5.98 -9.57
C PHE A 23 13.33 5.84 -8.89
N TRP A 24 14.34 5.40 -9.63
CA TRP A 24 15.64 5.15 -9.03
C TRP A 24 16.44 6.42 -8.78
N ASP A 25 16.18 7.49 -9.55
CA ASP A 25 16.81 8.77 -9.23
C ASP A 25 16.38 9.26 -7.84
N GLU A 26 15.10 9.10 -7.50
CA GLU A 26 14.64 9.53 -6.18
C GLU A 26 15.30 8.69 -5.08
N LYS A 27 15.46 7.39 -5.31
CA LYS A 27 16.08 6.54 -4.30
C LYS A 27 17.55 6.90 -4.10
N ILE A 28 18.27 7.23 -5.17
CA ILE A 28 19.65 7.65 -5.04
C ILE A 28 19.74 8.96 -4.26
N ASN A 29 18.85 9.90 -4.57
CA ASN A 29 18.84 11.17 -3.85
C ASN A 29 18.51 10.96 -2.38
N LEU A 30 17.60 10.03 -2.09
CA LEU A 30 17.22 9.74 -0.71
C LEU A 30 18.41 9.24 0.09
N VAL A 31 19.20 8.32 -0.49
CA VAL A 31 20.37 7.80 0.20
C VAL A 31 21.45 8.87 0.29
N SER A 32 21.61 9.66 -0.77
CA SER A 32 22.67 10.66 -0.81
C SER A 32 22.49 11.73 0.25
N ASN A 33 21.24 12.08 0.56
CA ASN A 33 20.95 13.14 1.52
C ASN A 33 20.72 12.63 2.94
N HIS A 34 20.91 11.34 3.20
CA HIS A 34 20.65 10.76 4.51
C HIS A 34 21.96 10.44 5.24
N GLN A 35 22.01 10.79 6.52
CA GLN A 35 23.14 10.47 7.39
C GLN A 35 22.88 9.13 8.07
N PHE A 36 23.65 8.11 7.68
CA PHE A 36 23.43 6.76 8.18
C PHE A 36 24.26 6.49 9.43
N GLU A 37 23.64 5.79 10.38
CA GLU A 37 24.32 5.37 11.61
C GLU A 37 24.91 3.99 11.42
N PHE A 38 26.21 3.84 11.73
CA PHE A 38 26.90 2.58 11.59
C PHE A 38 27.76 2.34 12.83
N GLU A 39 28.27 1.11 12.94
CA GLU A 39 29.06 0.71 14.09
C GLU A 39 30.11 -0.30 13.66
N LEU A 40 31.29 -0.23 14.27
CA LEU A 40 32.39 -1.14 14.00
C LEU A 40 32.70 -1.94 15.26
N ILE A 41 32.68 -3.26 15.13
CA ILE A 41 32.96 -4.18 16.24
C ILE A 41 34.04 -5.16 15.80
N GLU A 42 35.09 -5.26 16.61
CA GLU A 42 36.26 -6.06 16.27
C GLU A 42 35.93 -7.54 16.14
N LYS A 43 36.40 -8.15 15.05
CA LYS A 43 36.30 -9.58 14.84
C LYS A 43 37.52 -10.26 15.45
N ASN A 44 37.30 -11.42 16.08
CA ASN A 44 38.35 -12.08 16.85
C ASN A 44 39.40 -12.78 15.98
N LEU A 45 39.21 -12.84 14.67
CA LEU A 45 40.20 -13.45 13.79
C LEU A 45 41.56 -12.78 13.90
N SER A 46 42.60 -13.59 14.14
CA SER A 46 43.95 -13.10 14.34
C SER A 46 44.72 -13.12 13.03
N SER A 47 45.28 -11.97 12.66
CA SER A 47 46.12 -11.87 11.47
C SER A 47 47.21 -10.84 11.69
N LYS A 48 48.35 -11.06 11.02
CA LYS A 48 49.50 -10.18 11.15
C LYS A 48 49.52 -9.04 10.14
N VAL A 49 48.70 -9.09 9.10
CA VAL A 49 48.71 -8.07 8.05
C VAL A 49 47.39 -7.34 7.92
N VAL A 50 46.31 -7.84 8.52
CA VAL A 50 45.00 -7.24 8.36
C VAL A 50 44.26 -7.25 9.70
N ASN A 51 43.29 -6.36 9.82
CA ASN A 51 42.34 -6.35 10.92
C ASN A 51 40.95 -6.60 10.37
N PHE A 52 40.13 -7.26 11.16
CA PHE A 52 38.78 -7.66 10.76
C PHE A 52 37.76 -6.97 11.66
N TYR A 53 36.69 -6.47 11.04
CA TYR A 53 35.68 -5.73 11.77
C TYR A 53 34.28 -6.11 11.30
N HIS A 54 33.38 -6.29 12.27
CA HIS A 54 31.96 -6.33 11.98
C HIS A 54 31.46 -4.91 11.73
N LEU A 55 30.78 -4.70 10.60
CA LEU A 55 30.20 -3.41 10.29
C LEU A 55 28.67 -3.53 10.31
N TRP A 56 28.04 -2.82 11.24
CA TRP A 56 26.59 -2.83 11.39
C TRP A 56 26.06 -1.43 11.13
N PHE A 57 25.18 -1.28 10.16
CA PHE A 57 24.49 -0.03 9.94
C PHE A 57 22.99 -0.28 9.78
N THR A 58 22.21 0.77 10.01
CA THR A 58 20.77 0.73 9.91
C THR A 58 20.34 1.42 8.62
N ALA A 59 19.62 0.70 7.77
CA ALA A 59 19.21 1.28 6.50
C ALA A 59 18.10 2.30 6.72
N ILE A 60 17.77 3.03 5.66
CA ILE A 60 16.75 4.07 5.74
C ILE A 60 15.39 3.50 6.10
N ASP A 61 15.17 2.21 5.85
CA ASP A 61 13.89 1.58 6.12
C ASP A 61 13.84 0.92 7.49
N GLY A 62 14.91 0.99 8.28
CA GLY A 62 14.95 0.47 9.62
C GLY A 62 15.68 -0.86 9.77
N ALA A 63 15.89 -1.59 8.69
CA ALA A 63 16.51 -2.91 8.78
C ALA A 63 17.97 -2.78 9.23
N LYS A 64 18.43 -3.80 9.95
CA LYS A 64 19.80 -3.86 10.42
C LYS A 64 20.61 -4.65 9.41
N ILE A 65 21.62 -4.00 8.82
CA ILE A 65 22.38 -4.58 7.73
C ILE A 65 23.81 -4.83 8.19
N HIS A 66 24.34 -5.99 7.87
CA HIS A 66 25.67 -6.41 8.30
C HIS A 66 26.61 -6.53 7.11
N ALA A 67 27.88 -6.25 7.36
CA ALA A 67 28.90 -6.39 6.33
C ALA A 67 30.23 -6.73 7.00
N GLN A 68 31.09 -7.41 6.26
CA GLN A 68 32.45 -7.66 6.69
C GLN A 68 33.34 -6.54 6.18
N LEU A 69 34.10 -5.92 7.09
CA LEU A 69 35.06 -4.89 6.74
C LEU A 69 36.45 -5.41 7.07
N ILE A 70 37.33 -5.44 6.08
CA ILE A 70 38.67 -5.99 6.23
C ILE A 70 39.64 -4.88 5.83
N VAL A 71 40.53 -4.51 6.76
CA VAL A 71 41.32 -3.30 6.63
C VAL A 71 42.80 -3.62 6.84
N PRO A 72 43.73 -2.92 6.18
CA PRO A 72 45.15 -3.08 6.52
C PRO A 72 45.45 -2.54 7.91
N LYS A 73 46.66 -2.85 8.39
CA LYS A 73 47.00 -2.47 9.76
C LYS A 73 47.31 -0.98 9.86
N ASN A 74 47.99 -0.41 8.87
CA ASN A 74 48.19 1.02 8.86
C ASN A 74 46.93 1.70 8.35
N LEU A 75 46.84 3.00 8.58
CA LEU A 75 45.64 3.76 8.22
C LEU A 75 45.87 5.24 7.97
N LYS A 76 47.11 5.74 8.03
CA LYS A 76 47.33 7.17 7.86
C LYS A 76 47.21 7.63 6.42
N GLU A 77 47.10 6.72 5.45
CA GLU A 77 46.97 7.12 4.06
C GLU A 77 45.79 6.34 3.45
N LYS A 78 45.26 6.86 2.33
CA LYS A 78 44.08 6.33 1.65
C LYS A 78 44.45 5.17 0.75
N TYR A 79 43.56 4.19 0.68
CA TYR A 79 43.65 2.95 -0.06
C TYR A 79 42.46 2.84 -1.00
N PRO A 80 42.64 2.18 -2.14
CA PRO A 80 41.48 1.83 -2.97
C PRO A 80 40.57 0.86 -2.23
N ALA A 81 39.27 0.97 -2.51
CA ALA A 81 38.27 0.18 -1.83
C ALA A 81 37.57 -0.75 -2.81
N ILE A 82 37.11 -1.89 -2.29
CA ILE A 82 36.45 -2.91 -3.10
C ILE A 82 35.17 -3.33 -2.39
N LEU A 83 34.03 -3.18 -3.06
CA LEU A 83 32.77 -3.72 -2.60
C LEU A 83 32.58 -5.11 -3.19
N GLN A 84 32.28 -6.09 -2.34
CA GLN A 84 32.16 -7.48 -2.75
C GLN A 84 30.80 -8.03 -2.32
N PHE A 85 30.11 -8.68 -3.25
CA PHE A 85 28.78 -9.21 -3.03
C PHE A 85 28.76 -10.70 -3.32
N HIS A 86 27.81 -11.40 -2.69
CA HIS A 86 27.79 -12.85 -2.67
C HIS A 86 26.60 -13.40 -3.46
N GLY A 87 26.60 -14.72 -3.63
CA GLY A 87 25.59 -15.39 -4.42
C GLY A 87 24.30 -15.67 -3.66
N TYR A 88 23.31 -16.15 -4.41
CA TYR A 88 22.00 -16.47 -3.86
C TYR A 88 22.14 -17.53 -2.76
N HIS A 89 21.43 -17.30 -1.65
CA HIS A 89 21.39 -18.17 -0.46
C HIS A 89 22.62 -18.05 0.43
N CYS A 90 23.72 -17.53 -0.10
CA CYS A 90 25.01 -17.58 0.59
C CYS A 90 25.18 -16.42 1.56
N ASP A 91 26.36 -16.30 2.18
CA ASP A 91 26.74 -15.13 2.95
C ASP A 91 28.05 -14.57 2.39
N SER A 92 28.64 -13.63 3.11
CA SER A 92 29.84 -12.95 2.62
C SER A 92 31.07 -13.86 2.61
N GLY A 93 30.97 -15.10 3.06
CA GLY A 93 32.08 -16.02 2.97
C GLY A 93 33.05 -15.91 4.13
N ASP A 94 34.07 -16.75 4.08
CA ASP A 94 35.07 -16.80 5.13
C ASP A 94 35.86 -15.50 5.20
N TRP A 95 36.16 -15.06 6.43
CA TRP A 95 36.94 -13.84 6.63
C TRP A 95 38.31 -13.94 5.97
N VAL A 96 38.94 -15.12 6.04
CA VAL A 96 40.31 -15.27 5.56
C VAL A 96 40.42 -15.17 4.04
N ASP A 97 39.31 -15.31 3.32
CA ASP A 97 39.37 -15.17 1.86
C ASP A 97 39.80 -13.78 1.41
N LYS A 98 39.65 -12.78 2.29
CA LYS A 98 39.98 -11.40 1.92
C LYS A 98 41.39 -10.99 2.31
N ILE A 99 42.14 -11.82 3.04
CA ILE A 99 43.43 -11.39 3.56
C ILE A 99 44.37 -11.02 2.42
N GLY A 100 44.36 -11.80 1.34
CA GLY A 100 45.29 -11.55 0.24
C GLY A 100 45.06 -10.21 -0.44
N ILE A 101 43.80 -9.92 -0.79
CA ILE A 101 43.52 -8.70 -1.53
C ILE A 101 43.72 -7.46 -0.65
N VAL A 102 43.42 -7.56 0.65
CA VAL A 102 43.66 -6.44 1.55
C VAL A 102 45.15 -6.30 1.84
N ALA A 103 45.90 -7.40 1.87
CA ALA A 103 47.34 -7.32 2.06
C ALA A 103 48.03 -6.54 0.95
N GLU A 104 47.42 -6.48 -0.25
CA GLU A 104 47.97 -5.73 -1.37
C GLU A 104 47.69 -4.23 -1.28
N GLY A 105 46.99 -3.77 -0.24
CA GLY A 105 46.68 -2.38 -0.11
C GLY A 105 45.30 -2.01 -0.65
N ASN A 106 44.28 -2.73 -0.20
CA ASN A 106 42.90 -2.46 -0.58
C ASN A 106 42.02 -2.56 0.66
N VAL A 107 40.85 -1.94 0.59
CA VAL A 107 39.83 -2.06 1.62
C VAL A 107 38.67 -2.84 1.03
N VAL A 108 38.24 -3.89 1.74
CA VAL A 108 37.16 -4.76 1.27
C VAL A 108 35.97 -4.60 2.19
N LEU A 109 34.80 -4.33 1.59
CA LEU A 109 33.52 -4.37 2.28
C LEU A 109 32.72 -5.49 1.64
N ALA A 110 32.53 -6.57 2.39
CA ALA A 110 31.77 -7.72 1.93
C ALA A 110 30.38 -7.65 2.54
N LEU A 111 29.39 -7.30 1.71
CA LEU A 111 28.04 -7.06 2.20
C LEU A 111 27.25 -8.36 2.30
N ASP A 112 26.52 -8.50 3.39
CA ASP A 112 25.58 -9.61 3.56
C ASP A 112 24.20 -9.18 3.05
N CYS A 113 23.61 -10.01 2.20
CA CYS A 113 22.27 -9.73 1.73
C CYS A 113 21.26 -9.98 2.83
N ARG A 114 20.11 -9.32 2.72
CA ARG A 114 19.10 -9.37 3.75
C ARG A 114 18.45 -10.76 3.78
N GLY A 115 18.43 -11.37 4.95
CA GLY A 115 17.73 -12.62 5.17
C GLY A 115 18.18 -13.77 4.31
N GLN A 116 19.44 -13.75 3.83
CA GLN A 116 19.93 -14.83 2.99
C GLN A 116 21.05 -15.65 3.63
N GLY A 117 20.90 -16.08 4.87
CA GLY A 117 21.93 -16.84 5.51
C GLY A 117 23.00 -16.02 6.20
N GLY A 118 23.14 -14.74 5.85
CA GLY A 118 24.06 -13.86 6.51
C GLY A 118 23.39 -13.26 7.73
N LEU A 119 23.93 -12.14 8.19
CA LEU A 119 23.42 -11.53 9.41
C LEU A 119 22.47 -10.37 9.14
N SER A 120 22.37 -9.91 7.89
CA SER A 120 21.52 -8.78 7.57
C SER A 120 20.04 -9.15 7.67
N GLN A 121 19.23 -8.18 8.09
CA GLN A 121 17.82 -8.40 8.36
C GLN A 121 16.99 -8.16 7.11
N ASP A 122 16.02 -9.05 6.87
CA ASP A 122 15.00 -8.85 5.85
C ASP A 122 13.72 -8.39 6.54
N ASN A 123 13.23 -7.19 6.18
CA ASN A 123 12.04 -6.64 6.82
C ASN A 123 10.92 -6.37 5.82
N ILE A 124 10.93 -7.04 4.67
CA ILE A 124 9.83 -6.94 3.73
C ILE A 124 8.58 -7.58 4.36
N GLN A 125 7.46 -6.85 4.29
CA GLN A 125 6.18 -7.35 4.76
C GLN A 125 5.22 -7.38 3.58
N THR A 126 4.43 -8.45 3.50
CA THR A 126 3.53 -8.61 2.37
C THR A 126 2.33 -9.44 2.79
N MET A 127 1.25 -9.28 2.04
CA MET A 127 0.05 -10.10 2.19
C MET A 127 0.08 -11.33 1.30
N GLY A 128 1.12 -11.49 0.49
CA GLY A 128 1.19 -12.57 -0.47
C GLY A 128 2.13 -13.70 -0.08
N MET A 129 2.66 -14.39 -1.09
CA MET A 129 3.41 -15.61 -0.85
C MET A 129 4.76 -15.32 -0.23
N THR A 130 5.06 -16.00 0.88
CA THR A 130 6.34 -15.89 1.56
C THR A 130 7.06 -17.24 1.65
N MET A 131 6.57 -18.26 0.94
CA MET A 131 7.15 -19.59 1.07
C MET A 131 8.59 -19.62 0.58
N LYS A 132 8.84 -19.09 -0.62
CA LYS A 132 10.17 -19.15 -1.19
C LYS A 132 10.36 -18.01 -2.17
N GLY A 133 11.63 -17.75 -2.49
CA GLY A 133 12.00 -16.77 -3.49
C GLY A 133 12.07 -15.36 -2.98
N LEU A 134 13.13 -14.64 -3.35
CA LEU A 134 13.32 -13.26 -2.95
C LEU A 134 13.19 -12.28 -4.12
N ILE A 135 13.09 -12.77 -5.35
CA ILE A 135 12.77 -11.89 -6.46
C ILE A 135 11.31 -11.44 -6.38
N VAL A 136 10.43 -12.34 -5.96
CA VAL A 136 8.99 -12.07 -5.91
C VAL A 136 8.51 -11.76 -4.50
N ARG A 137 9.42 -11.66 -3.53
CA ARG A 137 9.03 -11.39 -2.16
C ARG A 137 8.46 -9.98 -2.05
N GLY A 138 7.17 -9.90 -1.75
CA GLY A 138 6.49 -8.64 -1.60
C GLY A 138 5.88 -8.09 -2.87
N ILE A 139 5.79 -8.90 -3.93
CA ILE A 139 5.33 -8.40 -5.22
C ILE A 139 3.86 -7.99 -5.23
N ASP A 140 3.05 -8.54 -4.32
CA ASP A 140 1.62 -8.25 -4.34
C ASP A 140 1.35 -6.76 -4.08
N GLU A 141 2.15 -6.14 -3.23
CA GLU A 141 1.98 -4.72 -2.93
C GLU A 141 2.68 -3.82 -3.95
N GLY A 142 3.08 -4.35 -5.10
CA GLY A 142 3.72 -3.56 -6.13
C GLY A 142 5.24 -3.56 -6.02
N TYR A 143 5.87 -3.00 -7.05
CA TYR A 143 7.33 -3.01 -7.14
C TYR A 143 7.98 -2.23 -6.00
N GLU A 144 7.27 -1.26 -5.42
CA GLU A 144 7.86 -0.51 -4.30
C GLU A 144 8.17 -1.43 -3.13
N ASN A 145 7.45 -2.54 -2.99
CA ASN A 145 7.61 -3.45 -1.87
C ASN A 145 8.49 -4.65 -2.23
N LEU A 146 9.10 -4.64 -3.41
CA LEU A 146 9.96 -5.75 -3.81
C LEU A 146 11.21 -5.80 -2.94
N TYR A 147 11.66 -7.02 -2.64
CA TYR A 147 12.83 -7.22 -1.79
C TYR A 147 14.08 -6.55 -2.35
N TYR A 148 14.28 -6.63 -3.66
CA TYR A 148 15.53 -6.14 -4.25
C TYR A 148 15.58 -4.63 -4.38
N VAL A 149 14.45 -3.93 -4.26
CA VAL A 149 14.51 -2.47 -4.20
C VAL A 149 15.27 -2.03 -2.96
N ARG A 150 14.98 -2.64 -1.82
CA ARG A 150 15.73 -2.34 -0.60
C ARG A 150 17.11 -2.97 -0.63
N GLN A 151 17.28 -4.11 -1.28
CA GLN A 151 18.61 -4.71 -1.39
C GLN A 151 19.52 -3.87 -2.26
N PHE A 152 18.97 -3.25 -3.32
CA PHE A 152 19.76 -2.36 -4.15
C PHE A 152 20.14 -1.09 -3.41
N MET A 153 19.24 -0.57 -2.58
CA MET A 153 19.56 0.62 -1.79
C MET A 153 20.62 0.32 -0.75
N ASP A 154 20.70 -0.93 -0.28
CA ASP A 154 21.80 -1.30 0.60
C ASP A 154 23.14 -1.20 -0.10
N LEU A 155 23.17 -1.45 -1.42
CA LEU A 155 24.40 -1.29 -2.18
C LEU A 155 24.83 0.18 -2.20
N ILE A 156 23.88 1.08 -2.49
CA ILE A 156 24.17 2.51 -2.47
C ILE A 156 24.62 2.94 -1.09
N THR A 157 23.91 2.47 -0.05
CA THR A 157 24.26 2.84 1.32
C THR A 157 25.64 2.31 1.70
N ALA A 158 25.94 1.07 1.34
CA ALA A 158 27.27 0.52 1.64
C ALA A 158 28.35 1.30 0.91
N THR A 159 28.09 1.71 -0.33
CA THR A 159 29.05 2.53 -1.06
C THR A 159 29.21 3.89 -0.37
N LYS A 160 28.10 4.45 0.12
CA LYS A 160 28.15 5.73 0.81
C LYS A 160 29.03 5.66 2.05
N ILE A 161 28.82 4.66 2.90
CA ILE A 161 29.60 4.54 4.13
C ILE A 161 31.06 4.27 3.82
N LEU A 162 31.33 3.39 2.85
CA LEU A 162 32.71 3.03 2.53
C LEU A 162 33.49 4.22 1.99
N SER A 163 32.85 5.05 1.17
CA SER A 163 33.56 6.20 0.59
C SER A 163 33.86 7.25 1.66
N GLU A 164 33.08 7.29 2.73
CA GLU A 164 33.20 8.32 3.76
C GLU A 164 34.21 7.97 4.84
N PHE A 165 34.96 6.88 4.68
CA PHE A 165 36.05 6.59 5.60
C PHE A 165 37.27 7.42 5.21
N ASP A 166 38.00 7.88 6.23
CA ASP A 166 39.17 8.71 5.98
C ASP A 166 40.35 7.92 5.41
N PHE A 167 40.32 6.60 5.45
CA PHE A 167 41.39 5.77 4.90
C PHE A 167 40.99 5.08 3.61
N VAL A 168 39.86 5.46 3.03
CA VAL A 168 39.39 4.90 1.76
C VAL A 168 39.53 5.96 0.70
N ASP A 169 40.33 5.67 -0.33
CA ASP A 169 40.42 6.53 -1.50
C ASP A 169 39.10 6.44 -2.26
N GLU A 170 38.24 7.44 -2.09
CA GLU A 170 36.93 7.38 -2.73
C GLU A 170 37.03 7.46 -4.25
N THR A 171 38.17 7.86 -4.79
CA THR A 171 38.35 7.92 -6.23
C THR A 171 38.63 6.56 -6.87
N ASN A 172 38.97 5.54 -6.06
CA ASN A 172 39.28 4.21 -6.58
C ASN A 172 38.46 3.19 -5.80
N ILE A 173 37.14 3.21 -6.00
CA ILE A 173 36.21 2.25 -5.43
C ILE A 173 35.71 1.35 -6.55
N SER A 174 35.80 0.04 -6.35
CA SER A 174 35.35 -0.93 -7.35
C SER A 174 34.42 -1.94 -6.69
N ALA A 175 33.72 -2.70 -7.53
CA ALA A 175 32.74 -3.67 -7.07
C ALA A 175 32.94 -5.00 -7.79
N GLN A 176 32.76 -6.09 -7.06
CA GLN A 176 32.94 -7.42 -7.63
C GLN A 176 31.97 -8.39 -6.98
N GLY A 177 31.64 -9.46 -7.69
CA GLY A 177 30.76 -10.49 -7.18
C GLY A 177 30.41 -11.49 -8.26
N ALA A 178 29.87 -12.63 -7.82
CA ALA A 178 29.48 -13.71 -8.72
C ALA A 178 28.01 -14.04 -8.55
N SER A 179 27.35 -14.32 -9.68
CA SER A 179 25.93 -14.67 -9.73
C SER A 179 25.06 -13.55 -9.17
N GLN A 180 24.45 -13.76 -8.01
CA GLN A 180 23.78 -12.66 -7.33
C GLN A 180 24.76 -11.55 -7.01
N GLY A 181 25.98 -11.92 -6.62
CA GLY A 181 27.01 -10.93 -6.39
C GLY A 181 27.37 -10.17 -7.66
N GLY A 182 27.36 -10.87 -8.80
CA GLY A 182 27.60 -10.20 -10.07
C GLY A 182 26.50 -9.22 -10.43
N ALA A 183 25.24 -9.61 -10.20
CA ALA A 183 24.13 -8.69 -10.43
C ALA A 183 24.22 -7.48 -9.52
N LEU A 184 24.47 -7.72 -8.23
CA LEU A 184 24.58 -6.61 -7.27
C LEU A 184 25.79 -5.73 -7.58
N ALA A 185 26.89 -6.34 -8.04
CA ALA A 185 28.03 -5.54 -8.47
C ALA A 185 27.66 -4.63 -9.64
N VAL A 186 26.92 -5.17 -10.62
CA VAL A 186 26.47 -4.36 -11.75
C VAL A 186 25.52 -3.26 -11.28
N ALA A 187 24.54 -3.64 -10.44
CA ALA A 187 23.60 -2.66 -9.92
C ALA A 187 24.30 -1.62 -9.06
N CYS A 188 25.35 -2.02 -8.35
CA CYS A 188 26.09 -1.07 -7.51
C CYS A 188 26.73 0.01 -8.36
N ALA A 189 27.27 -0.35 -9.52
CA ALA A 189 27.88 0.64 -10.40
C ALA A 189 26.84 1.55 -11.04
N ALA A 190 25.66 1.03 -11.33
CA ALA A 190 24.63 1.86 -11.97
C ALA A 190 24.09 2.91 -11.03
N LEU A 191 23.84 2.54 -9.78
CA LEU A 191 23.25 3.47 -8.82
C LEU A 191 24.28 4.37 -8.17
N SER A 192 25.57 4.03 -8.27
CA SER A 192 26.66 4.86 -7.79
C SER A 192 27.72 4.94 -8.86
N PRO A 193 27.54 5.82 -9.86
CA PRO A 193 28.49 5.86 -10.98
C PRO A 193 29.91 6.24 -10.60
N LEU A 194 30.16 6.69 -9.36
CA LEU A 194 31.53 7.01 -8.96
C LEU A 194 32.43 5.79 -9.00
N ILE A 195 31.85 4.59 -8.90
CA ILE A 195 32.63 3.36 -8.95
C ILE A 195 33.46 3.33 -10.23
N LYS A 196 34.71 2.92 -10.09
CA LYS A 196 35.67 2.97 -11.19
C LYS A 196 35.72 1.67 -11.99
N LYS A 197 35.50 0.52 -11.35
CA LYS A 197 35.67 -0.76 -12.03
C LYS A 197 34.64 -1.74 -11.50
N VAL A 198 34.21 -2.64 -12.38
CA VAL A 198 33.28 -3.72 -12.02
C VAL A 198 33.78 -5.00 -12.64
N THR A 199 33.87 -6.04 -11.80
CA THR A 199 34.22 -7.39 -12.24
C THR A 199 33.03 -8.28 -11.88
N ALA A 200 32.21 -8.61 -12.86
CA ALA A 200 30.96 -9.34 -12.63
C ALA A 200 31.05 -10.73 -13.23
N THR A 201 30.72 -11.74 -12.44
CA THR A 201 30.79 -13.14 -12.84
C THR A 201 29.37 -13.71 -12.91
N TYR A 202 29.03 -14.30 -14.08
CA TYR A 202 27.69 -14.73 -14.49
C TYR A 202 26.57 -14.07 -13.71
N PRO A 203 26.31 -12.78 -13.95
CA PRO A 203 25.33 -12.06 -13.13
C PRO A 203 23.91 -12.60 -13.28
N PHE A 204 23.18 -12.59 -12.18
CA PHE A 204 21.81 -13.05 -12.05
C PHE A 204 20.89 -11.84 -12.25
N LEU A 205 19.59 -12.02 -12.01
CA LEU A 205 18.64 -10.89 -11.91
C LEU A 205 18.56 -10.07 -13.18
N SER A 206 18.58 -10.73 -14.34
CA SER A 206 18.53 -10.01 -15.61
C SER A 206 17.59 -10.72 -16.58
N ASP A 207 16.80 -9.92 -17.30
CA ASP A 207 15.98 -10.41 -18.42
C ASP A 207 14.93 -11.43 -17.93
N TYR A 208 14.12 -11.01 -16.96
CA TYR A 208 13.19 -11.93 -16.31
C TYR A 208 12.22 -12.56 -17.30
N ARG A 209 11.72 -11.78 -18.26
CA ARG A 209 10.77 -12.31 -19.23
C ARG A 209 11.40 -13.40 -20.09
N LYS A 210 12.65 -13.20 -20.51
CA LYS A 210 13.34 -14.20 -21.31
C LYS A 210 13.67 -15.42 -20.48
N ALA A 211 14.12 -15.22 -19.24
CA ALA A 211 14.42 -16.35 -18.36
C ALA A 211 13.19 -17.21 -18.12
N TYR A 212 12.01 -16.58 -18.04
CA TYR A 212 10.79 -17.37 -17.94
C TYR A 212 10.48 -18.08 -19.25
N GLU A 213 10.68 -17.39 -20.38
CA GLU A 213 10.33 -17.95 -21.67
C GLU A 213 11.16 -19.19 -21.99
N LEU A 214 12.40 -19.25 -21.52
CA LEU A 214 13.26 -20.40 -21.77
C LEU A 214 12.82 -21.64 -21.01
N GLY A 215 11.93 -21.49 -20.02
CA GLY A 215 11.65 -22.57 -19.10
C GLY A 215 12.65 -22.57 -17.97
N ALA A 216 12.28 -21.99 -16.83
CA ALA A 216 13.22 -21.69 -15.76
C ALA A 216 13.15 -22.67 -14.60
N GLU A 217 12.44 -23.79 -14.76
CA GLU A 217 12.25 -24.70 -13.64
C GLU A 217 13.57 -25.29 -13.15
N GLU A 218 14.56 -25.40 -14.04
CA GLU A 218 15.84 -25.98 -13.69
C GLU A 218 16.95 -24.94 -13.51
N SER A 219 16.62 -23.66 -13.62
CA SER A 219 17.57 -22.56 -13.49
C SER A 219 17.35 -21.82 -12.17
N ALA A 220 18.20 -20.83 -11.92
CA ALA A 220 18.07 -20.00 -10.74
C ALA A 220 16.83 -19.11 -10.76
N PHE A 221 16.15 -18.99 -11.91
CA PHE A 221 14.94 -18.21 -12.03
C PHE A 221 13.68 -19.04 -11.75
N GLU A 222 13.82 -20.20 -11.10
CA GLU A 222 12.69 -21.10 -10.94
C GLU A 222 11.55 -20.47 -10.14
N GLU A 223 11.82 -19.41 -9.37
CA GLU A 223 10.76 -18.75 -8.62
C GLU A 223 9.68 -18.19 -9.54
N LEU A 224 10.05 -17.80 -10.76
CA LEU A 224 9.07 -17.17 -11.65
C LEU A 224 7.99 -18.16 -12.08
N PRO A 225 8.30 -19.33 -12.64
CA PRO A 225 7.21 -20.30 -12.88
C PRO A 225 6.59 -20.82 -11.59
N TYR A 226 7.35 -20.87 -10.50
CA TYR A 226 6.78 -21.28 -9.22
C TYR A 226 5.65 -20.36 -8.79
N TRP A 227 5.84 -19.05 -8.97
CA TRP A 227 4.79 -18.09 -8.59
C TRP A 227 3.54 -18.32 -9.41
N PHE A 228 3.68 -18.49 -10.72
CA PHE A 228 2.50 -18.77 -11.55
C PHE A 228 1.90 -20.12 -11.20
N GLN A 229 2.74 -21.10 -10.87
CA GLN A 229 2.23 -22.44 -10.59
C GLN A 229 1.28 -22.44 -9.39
N PHE A 230 1.56 -21.62 -8.38
CA PHE A 230 0.77 -21.64 -7.16
C PHE A 230 -0.03 -20.37 -6.90
N LYS A 231 0.30 -19.24 -7.53
CA LYS A 231 -0.45 -18.01 -7.33
C LYS A 231 -1.32 -17.62 -8.53
N ASP A 232 -0.98 -18.06 -9.73
CA ASP A 232 -1.73 -17.63 -10.91
C ASP A 232 -1.60 -18.63 -12.04
N PRO A 233 -2.13 -19.85 -11.90
CA PRO A 233 -1.88 -20.89 -12.92
C PRO A 233 -2.48 -20.58 -14.28
N LEU A 234 -3.54 -19.78 -14.35
CA LEU A 234 -4.14 -19.41 -15.62
C LEU A 234 -3.51 -18.16 -16.21
N HIS A 235 -2.47 -17.60 -15.58
CA HIS A 235 -1.78 -16.42 -16.07
C HIS A 235 -2.72 -15.23 -16.22
N LEU A 236 -3.56 -15.01 -15.20
CA LEU A 236 -4.47 -13.87 -15.21
C LEU A 236 -3.77 -12.55 -14.92
N ARG A 237 -2.59 -12.59 -14.31
CA ARG A 237 -1.83 -11.37 -14.01
C ARG A 237 -0.41 -11.46 -14.56
N GLU A 238 -0.23 -12.11 -15.71
CA GLU A 238 1.10 -12.29 -16.27
C GLU A 238 1.72 -10.95 -16.63
N ASP A 239 0.96 -10.07 -17.28
CA ASP A 239 1.47 -8.75 -17.64
C ASP A 239 1.87 -7.96 -16.40
N TRP A 240 0.98 -7.93 -15.40
CA TRP A 240 1.28 -7.21 -14.17
C TRP A 240 2.50 -7.79 -13.46
N PHE A 241 2.66 -9.12 -13.52
CA PHE A 241 3.75 -9.77 -12.81
C PHE A 241 5.12 -9.30 -13.30
N PHE A 242 5.33 -9.36 -14.62
CA PHE A 242 6.62 -8.96 -15.16
C PHE A 242 6.80 -7.44 -15.20
N ASN A 243 5.70 -6.68 -15.13
CA ASN A 243 5.83 -5.23 -15.05
C ASN A 243 6.41 -4.79 -13.71
N GLN A 244 6.13 -5.53 -12.64
CA GLN A 244 6.73 -5.21 -11.35
C GLN A 244 8.23 -5.50 -11.37
N LEU A 245 8.64 -6.60 -12.00
CA LEU A 245 10.03 -7.03 -11.98
C LEU A 245 10.93 -6.14 -12.84
N GLU A 246 10.36 -5.32 -13.73
CA GLU A 246 11.18 -4.43 -14.53
C GLU A 246 12.06 -3.52 -13.68
N TYR A 247 11.56 -3.11 -12.51
CA TYR A 247 12.29 -2.16 -11.66
C TYR A 247 13.51 -2.77 -10.99
N ILE A 248 13.66 -4.09 -11.00
CA ILE A 248 14.81 -4.75 -10.40
C ILE A 248 15.57 -5.59 -11.43
N ASP A 249 15.31 -5.36 -12.72
CA ASP A 249 16.03 -6.01 -13.80
C ASP A 249 17.27 -5.18 -14.11
N ILE A 250 18.45 -5.72 -13.83
CA ILE A 250 19.68 -4.94 -13.96
C ILE A 250 19.97 -4.53 -15.40
N GLN A 251 19.35 -5.18 -16.38
CA GLN A 251 19.56 -4.74 -17.76
C GLN A 251 18.99 -3.34 -17.98
N ASN A 252 17.99 -2.94 -17.20
CA ASN A 252 17.48 -1.58 -17.27
C ASN A 252 18.39 -0.59 -16.56
N LEU A 253 19.21 -1.06 -15.60
CA LEU A 253 20.18 -0.20 -14.93
C LEU A 253 21.50 -0.09 -15.68
N ALA A 254 21.83 -1.07 -16.52
CA ALA A 254 23.12 -1.09 -17.19
C ALA A 254 23.47 0.18 -17.95
N PRO A 255 22.56 0.85 -18.67
CA PRO A 255 22.98 2.02 -19.45
C PRO A 255 23.59 3.16 -18.63
N ARG A 256 23.24 3.31 -17.36
CA ARG A 256 23.77 4.42 -16.57
C ARG A 256 25.14 4.13 -15.96
N ILE A 257 25.79 3.03 -16.32
CA ILE A 257 27.07 2.65 -15.73
C ILE A 257 28.20 3.38 -16.45
N LYS A 258 29.09 3.99 -15.66
CA LYS A 258 30.28 4.64 -16.20
C LYS A 258 31.58 3.91 -15.89
N ALA A 259 31.55 2.94 -14.98
CA ALA A 259 32.76 2.19 -14.63
C ALA A 259 33.16 1.26 -15.77
N GLU A 260 34.44 0.92 -15.80
CA GLU A 260 34.89 -0.15 -16.67
C GLU A 260 34.35 -1.48 -16.15
N VAL A 261 33.87 -2.32 -17.05
CA VAL A 261 33.19 -3.56 -16.70
C VAL A 261 34.00 -4.74 -17.19
N ILE A 262 34.27 -5.69 -16.29
CA ILE A 262 34.83 -6.98 -16.64
C ILE A 262 33.74 -8.01 -16.40
N TRP A 263 33.35 -8.72 -17.45
CA TRP A 263 32.23 -9.66 -17.41
C TRP A 263 32.78 -11.05 -17.69
N ILE A 264 32.57 -11.97 -16.74
CA ILE A 264 33.06 -13.34 -16.82
C ILE A 264 31.88 -14.29 -16.71
N LEU A 265 31.86 -15.32 -17.54
CA LEU A 265 30.79 -16.30 -17.49
C LEU A 265 31.30 -17.66 -17.93
N GLY A 266 30.53 -18.69 -17.60
CA GLY A 266 30.81 -20.05 -18.04
C GLY A 266 29.86 -20.46 -19.14
N GLY A 267 30.41 -21.11 -20.17
CA GLY A 267 29.64 -21.43 -21.37
C GLY A 267 28.57 -22.49 -21.18
N LYS A 268 28.69 -23.35 -20.18
CA LYS A 268 27.74 -24.44 -19.96
C LYS A 268 26.72 -24.10 -18.86
N ASP A 269 26.58 -22.83 -18.51
CA ASP A 269 25.76 -22.42 -17.38
C ASP A 269 24.27 -22.57 -17.71
N THR A 270 23.60 -23.51 -17.03
CA THR A 270 22.15 -23.61 -17.08
C THR A 270 21.48 -23.00 -15.87
N VAL A 271 22.24 -22.68 -14.81
CA VAL A 271 21.66 -22.02 -13.66
C VAL A 271 21.29 -20.58 -14.00
N VAL A 272 22.23 -19.83 -14.56
CA VAL A 272 21.96 -18.50 -15.07
C VAL A 272 22.33 -18.50 -16.55
N PRO A 273 21.37 -18.72 -17.46
CA PRO A 273 21.71 -18.87 -18.89
C PRO A 273 22.40 -17.64 -19.43
N PRO A 274 23.46 -17.82 -20.23
CA PRO A 274 24.21 -16.66 -20.74
C PRO A 274 23.36 -15.66 -21.50
N ILE A 275 22.27 -16.10 -22.13
CA ILE A 275 21.46 -15.18 -22.94
C ILE A 275 20.86 -14.09 -22.06
N THR A 276 20.46 -14.44 -20.83
CA THR A 276 19.91 -13.43 -19.93
C THR A 276 20.99 -12.45 -19.49
N GLN A 277 22.24 -12.92 -19.34
CA GLN A 277 23.33 -12.04 -18.97
C GLN A 277 23.63 -11.04 -20.08
N MET A 278 23.57 -11.48 -21.34
CA MET A 278 23.89 -10.60 -22.46
C MET A 278 22.86 -9.49 -22.64
N ALA A 279 21.63 -9.68 -22.15
CA ALA A 279 20.66 -8.59 -22.16
C ALA A 279 21.18 -7.38 -21.39
N ALA A 280 21.87 -7.62 -20.28
CA ALA A 280 22.44 -6.54 -19.50
C ALA A 280 23.80 -6.12 -20.05
N TYR A 281 24.64 -7.08 -20.43
CA TYR A 281 25.99 -6.74 -20.90
C TYR A 281 25.95 -5.91 -22.18
N ASN A 282 25.06 -6.26 -23.11
CA ASN A 282 24.99 -5.51 -24.37
C ASN A 282 24.54 -4.07 -24.18
N LYS A 283 23.85 -3.76 -23.09
CA LYS A 283 23.38 -2.40 -22.84
C LYS A 283 24.35 -1.56 -22.03
N ILE A 284 25.51 -2.10 -21.67
CA ILE A 284 26.56 -1.32 -21.03
C ILE A 284 27.27 -0.49 -22.09
N GLN A 285 27.41 0.82 -21.84
CA GLN A 285 27.96 1.74 -22.82
C GLN A 285 29.38 2.19 -22.50
N SER A 286 29.87 1.95 -21.29
CA SER A 286 31.24 2.28 -20.93
C SER A 286 32.17 1.17 -21.46
N LYS A 287 33.45 1.26 -21.10
CA LYS A 287 34.41 0.24 -21.52
C LYS A 287 34.08 -1.09 -20.87
N LYS A 288 33.96 -2.14 -21.69
CA LYS A 288 33.52 -3.44 -21.23
C LYS A 288 34.31 -4.54 -21.95
N SER A 289 34.52 -5.65 -21.25
CA SER A 289 35.19 -6.81 -21.80
C SER A 289 34.46 -8.07 -21.35
N LEU A 290 34.47 -9.08 -22.21
CA LEU A 290 33.71 -10.31 -22.00
C LEU A 290 34.63 -11.50 -22.09
N TYR A 291 34.66 -12.32 -21.03
CA TYR A 291 35.50 -13.50 -20.96
C TYR A 291 34.62 -14.73 -20.74
N VAL A 292 34.90 -15.79 -21.49
CA VAL A 292 34.05 -16.98 -21.53
C VAL A 292 34.91 -18.20 -21.28
N LEU A 293 34.48 -19.04 -20.35
CA LEU A 293 35.06 -20.37 -20.19
C LEU A 293 34.07 -21.38 -20.76
N PRO A 294 34.33 -21.96 -21.94
CA PRO A 294 33.30 -22.78 -22.60
C PRO A 294 32.93 -24.04 -21.85
N GLU A 295 33.87 -24.68 -21.15
CA GLU A 295 33.60 -25.95 -20.49
C GLU A 295 33.04 -25.81 -19.09
N TYR A 296 32.84 -24.61 -18.58
CA TYR A 296 32.41 -24.42 -17.21
C TYR A 296 31.00 -23.85 -17.15
N GLY A 297 30.33 -24.14 -16.03
CA GLY A 297 28.97 -23.69 -15.82
C GLY A 297 28.92 -22.69 -14.68
N HIS A 298 27.90 -22.84 -13.82
CA HIS A 298 27.74 -21.96 -12.66
C HIS A 298 28.59 -22.48 -11.50
N GLU A 299 29.90 -22.27 -11.63
CA GLU A 299 30.87 -22.86 -10.72
C GLU A 299 32.10 -21.96 -10.66
N TYR A 300 33.08 -22.38 -9.87
CA TYR A 300 34.34 -21.65 -9.80
C TYR A 300 35.01 -21.63 -11.17
N LEU A 301 35.44 -20.43 -11.58
CA LEU A 301 36.05 -20.27 -12.89
C LEU A 301 37.55 -20.11 -12.72
N PRO A 302 38.36 -21.09 -13.12
CA PRO A 302 39.80 -21.01 -12.91
C PRO A 302 40.50 -20.18 -13.98
N LYS A 303 41.77 -19.90 -13.69
CA LYS A 303 42.73 -19.30 -14.62
C LYS A 303 42.44 -17.83 -14.89
N ILE A 304 41.17 -17.44 -14.94
CA ILE A 304 40.81 -16.09 -15.34
C ILE A 304 41.31 -15.05 -14.35
N SER A 305 41.39 -15.40 -13.07
CA SER A 305 41.85 -14.42 -12.07
C SER A 305 43.33 -14.10 -12.23
N ASP A 306 44.15 -15.12 -12.53
CA ASP A 306 45.56 -14.85 -12.81
C ASP A 306 45.72 -14.08 -14.11
N TRP A 307 44.91 -14.40 -15.12
CA TRP A 307 45.04 -13.76 -16.42
C TRP A 307 44.82 -12.26 -16.33
N LEU A 308 43.93 -11.82 -15.45
CA LEU A 308 43.64 -10.39 -15.30
C LEU A 308 44.67 -9.70 -14.43
N ASN B 5 -15.39 22.78 37.15
CA ASN B 5 -16.25 21.75 36.55
C ASN B 5 -15.42 20.55 36.11
N ASN B 6 -16.09 19.56 35.52
CA ASN B 6 -15.41 18.36 35.05
C ASN B 6 -14.65 18.62 33.74
N TRP B 7 -14.26 19.88 33.52
CA TRP B 7 -13.46 20.23 32.35
C TRP B 7 -12.12 19.49 32.36
N GLN B 8 -11.45 19.45 33.52
CA GLN B 8 -10.15 18.79 33.59
C GLN B 8 -10.27 17.29 33.81
N ASP B 9 -11.45 16.78 34.14
CA ASP B 9 -11.63 15.35 34.37
C ASP B 9 -11.95 14.57 33.09
N TYR B 10 -12.12 15.26 31.96
CA TYR B 10 -12.39 14.57 30.70
C TYR B 10 -11.12 13.91 30.20
N GLN B 11 -11.15 12.59 30.05
CA GLN B 11 -9.97 11.84 29.66
C GLN B 11 -9.85 11.63 28.16
N GLY B 12 -10.79 12.14 27.37
CA GLY B 12 -10.75 11.96 25.93
C GLY B 12 -11.43 10.68 25.48
N SER B 13 -11.61 10.58 24.16
CA SER B 13 -12.28 9.44 23.55
C SER B 13 -11.31 8.59 22.74
N SER B 14 -10.01 8.77 22.93
CA SER B 14 -9.02 8.12 22.09
C SER B 14 -8.89 6.65 22.44
N LEU B 15 -8.25 5.91 21.53
CA LEU B 15 -7.96 4.49 21.68
C LEU B 15 -6.58 4.32 21.04
N LYS B 16 -5.58 4.88 21.71
CA LYS B 16 -4.22 4.97 21.17
C LYS B 16 -3.70 3.58 20.81
N PRO B 17 -3.29 3.36 19.57
CA PRO B 17 -2.79 2.03 19.18
C PRO B 17 -1.47 1.71 19.87
N GLU B 18 -1.19 0.41 19.96
CA GLU B 18 0.04 -0.05 20.58
C GLU B 18 1.27 0.47 19.85
N ASP B 19 1.19 0.62 18.53
CA ASP B 19 2.32 1.04 17.71
C ASP B 19 2.46 2.55 17.59
N PHE B 20 1.60 3.33 18.26
CA PHE B 20 1.56 4.77 18.03
C PHE B 20 2.93 5.41 18.27
N ASP B 21 3.52 5.17 19.45
CA ASP B 21 4.78 5.83 19.77
C ASP B 21 5.93 5.27 18.94
N LYS B 22 5.94 3.95 18.69
CA LYS B 22 6.95 3.37 17.82
C LYS B 22 6.87 3.96 16.41
N PHE B 23 5.65 4.22 15.94
CA PHE B 23 5.46 4.81 14.62
C PHE B 23 6.11 6.20 14.55
N TRP B 24 5.79 7.06 15.52
CA TRP B 24 6.28 8.43 15.45
C TRP B 24 7.75 8.54 15.85
N ASP B 25 8.25 7.62 16.68
CA ASP B 25 9.68 7.59 16.97
C ASP B 25 10.49 7.36 15.69
N GLU B 26 10.01 6.47 14.82
CA GLU B 26 10.71 6.22 13.57
C GLU B 26 10.70 7.45 12.66
N LYS B 27 9.58 8.17 12.61
CA LYS B 27 9.50 9.36 11.75
C LYS B 27 10.44 10.45 12.26
N ILE B 28 10.54 10.60 13.58
CA ILE B 28 11.47 11.58 14.14
C ILE B 28 12.91 11.19 13.83
N ASN B 29 13.23 9.90 13.95
CA ASN B 29 14.59 9.45 13.66
C ASN B 29 14.96 9.70 12.21
N LEU B 30 14.02 9.47 11.29
CA LEU B 30 14.31 9.72 9.87
C LEU B 30 14.62 11.18 9.61
N VAL B 31 13.84 12.09 10.20
CA VAL B 31 14.06 13.52 9.97
C VAL B 31 15.36 13.98 10.61
N SER B 32 15.67 13.48 11.80
CA SER B 32 16.89 13.92 12.49
C SER B 32 18.14 13.47 11.75
N ASN B 33 18.10 12.29 11.11
CA ASN B 33 19.25 11.76 10.41
C ASN B 33 19.29 12.13 8.94
N HIS B 34 18.35 12.96 8.47
CA HIS B 34 18.31 13.34 7.06
C HIS B 34 18.80 14.77 6.90
N GLN B 35 19.68 14.98 5.92
CA GLN B 35 20.16 16.31 5.57
C GLN B 35 19.23 16.88 4.49
N PHE B 36 18.45 17.88 4.87
CA PHE B 36 17.44 18.45 3.97
C PHE B 36 18.05 19.59 3.15
N GLU B 37 17.68 19.62 1.88
CA GLU B 37 18.10 20.70 1.00
C GLU B 37 17.05 21.80 1.00
N PHE B 38 17.49 23.03 1.23
CA PHE B 38 16.58 24.18 1.26
C PHE B 38 17.22 25.32 0.49
N GLU B 39 16.42 26.36 0.27
CA GLU B 39 16.83 27.51 -0.52
C GLU B 39 16.18 28.76 0.04
N LEU B 40 16.91 29.86 0.04
CA LEU B 40 16.41 31.14 0.52
C LEU B 40 16.38 32.13 -0.64
N ILE B 41 15.22 32.72 -0.88
CA ILE B 41 15.04 33.72 -1.92
C ILE B 41 14.43 34.95 -1.27
N GLU B 42 15.14 36.08 -1.37
CA GLU B 42 14.73 37.28 -0.66
C GLU B 42 13.41 37.81 -1.22
N LYS B 43 12.48 38.13 -0.32
CA LYS B 43 11.20 38.71 -0.72
C LYS B 43 11.33 40.22 -0.87
N ASN B 44 10.74 40.74 -1.94
CA ASN B 44 10.86 42.16 -2.28
C ASN B 44 9.95 43.06 -1.44
N LEU B 45 9.85 42.80 -0.14
CA LEU B 45 9.13 43.67 0.78
C LEU B 45 10.13 44.53 1.53
N SER B 46 9.91 45.85 1.51
CA SER B 46 10.85 46.80 2.08
C SER B 46 10.47 47.13 3.52
N SER B 47 11.43 46.95 4.42
CA SER B 47 11.26 47.32 5.82
C SER B 47 12.61 47.79 6.36
N LYS B 48 12.56 48.69 7.33
CA LYS B 48 13.78 49.25 7.90
C LYS B 48 14.33 48.45 9.06
N VAL B 49 13.54 47.52 9.62
CA VAL B 49 13.96 46.77 10.79
C VAL B 49 14.03 45.27 10.54
N VAL B 50 13.47 44.77 9.44
CA VAL B 50 13.43 43.34 9.18
C VAL B 50 13.72 43.09 7.69
N ASN B 51 14.18 41.88 7.40
CA ASN B 51 14.31 41.38 6.04
C ASN B 51 13.39 40.18 5.85
N PHE B 52 12.89 40.00 4.62
CA PHE B 52 11.94 38.96 4.29
C PHE B 52 12.54 38.00 3.28
N TYR B 53 12.33 36.70 3.49
CA TYR B 53 12.89 35.66 2.63
C TYR B 53 11.87 34.56 2.37
N HIS B 54 11.79 34.12 1.12
CA HIS B 54 11.11 32.87 0.79
C HIS B 54 12.00 31.70 1.21
N LEU B 55 11.44 30.77 1.96
CA LEU B 55 12.15 29.57 2.38
C LEU B 55 11.53 28.36 1.68
N TRP B 56 12.30 27.73 0.81
CA TRP B 56 11.86 26.56 0.04
C TRP B 56 12.74 25.38 0.40
N PHE B 57 12.12 24.30 0.88
CA PHE B 57 12.83 23.06 1.13
C PHE B 57 12.07 21.87 0.55
N THR B 58 12.80 20.77 0.36
CA THR B 58 12.25 19.53 -0.16
C THR B 58 12.15 18.52 0.99
N ALA B 59 10.94 18.04 1.25
CA ALA B 59 10.71 17.10 2.32
C ALA B 59 11.23 15.71 1.96
N ILE B 60 11.20 14.81 2.95
CA ILE B 60 11.66 13.44 2.78
C ILE B 60 10.86 12.70 1.71
N ASP B 61 9.63 13.12 1.43
CA ASP B 61 8.77 12.46 0.46
C ASP B 61 8.82 13.09 -0.92
N GLY B 62 9.60 14.16 -1.11
CA GLY B 62 9.75 14.80 -2.40
C GLY B 62 8.94 16.07 -2.59
N ALA B 63 7.93 16.29 -1.76
CA ALA B 63 7.07 17.46 -1.92
C ALA B 63 7.84 18.76 -1.67
N LYS B 64 7.43 19.81 -2.35
CA LYS B 64 8.02 21.13 -2.22
C LYS B 64 7.21 21.95 -1.22
N ILE B 65 7.83 22.34 -0.12
CA ILE B 65 7.17 23.04 0.97
C ILE B 65 7.76 24.44 1.09
N HIS B 66 6.89 25.42 1.27
CA HIS B 66 7.25 26.82 1.34
C HIS B 66 6.98 27.37 2.73
N ALA B 67 7.80 28.34 3.14
CA ALA B 67 7.60 29.01 4.42
C ALA B 67 8.07 30.45 4.30
N GLN B 68 7.49 31.31 5.13
CA GLN B 68 7.93 32.69 5.24
C GLN B 68 9.00 32.78 6.32
N LEU B 69 10.14 33.36 5.99
CA LEU B 69 11.22 33.60 6.93
C LEU B 69 11.41 35.11 7.07
N ILE B 70 11.26 35.61 8.29
CA ILE B 70 11.38 37.03 8.59
C ILE B 70 12.46 37.17 9.65
N VAL B 71 13.48 37.95 9.35
CA VAL B 71 14.71 37.96 10.12
C VAL B 71 15.07 39.39 10.50
N PRO B 72 15.71 39.63 11.64
CA PRO B 72 16.25 40.96 11.92
C PRO B 72 17.35 41.31 10.94
N LYS B 73 17.78 42.58 10.99
CA LYS B 73 18.75 43.07 10.01
C LYS B 73 20.19 42.68 10.30
N ASN B 74 20.59 42.54 11.57
CA ASN B 74 21.99 42.24 11.87
C ASN B 74 22.34 40.81 11.45
N LEU B 75 22.20 39.84 12.33
CA LEU B 75 22.51 38.44 11.99
C LEU B 75 23.82 37.95 12.57
N LYS B 76 24.65 38.84 13.11
CA LYS B 76 25.91 38.46 13.73
C LYS B 76 25.69 37.92 15.14
N GLU B 77 24.41 37.92 15.57
CA GLU B 77 23.94 37.60 16.89
C GLU B 77 22.92 36.49 16.80
N LYS B 78 22.79 35.71 17.88
CA LYS B 78 21.79 34.65 17.93
C LYS B 78 20.49 35.20 18.51
N TYR B 79 19.38 34.76 17.94
CA TYR B 79 18.05 35.20 18.34
C TYR B 79 17.16 34.02 18.68
N PRO B 80 16.22 34.19 19.60
CA PRO B 80 15.17 33.17 19.77
C PRO B 80 14.35 33.05 18.51
N ALA B 81 13.85 31.85 18.26
CA ALA B 81 13.12 31.55 17.04
C ALA B 81 11.67 31.20 17.35
N ILE B 82 10.79 31.48 16.39
CA ILE B 82 9.36 31.25 16.54
C ILE B 82 8.86 30.52 15.29
N LEU B 83 8.29 29.34 15.49
CA LEU B 83 7.57 28.63 14.45
C LEU B 83 6.09 28.99 14.54
N GLN B 84 5.51 29.41 13.42
CA GLN B 84 4.12 29.85 13.38
C GLN B 84 3.36 29.08 12.31
N PHE B 85 2.20 28.56 12.68
CA PHE B 85 1.38 27.74 11.79
C PHE B 85 0.00 28.36 11.65
N HIS B 86 -0.67 28.07 10.53
CA HIS B 86 -1.88 28.78 10.15
C HIS B 86 -3.10 27.85 10.20
N GLY B 87 -4.27 28.46 10.02
CA GLY B 87 -5.53 27.75 10.13
C GLY B 87 -5.92 27.02 8.86
N TYR B 88 -6.98 26.22 8.99
CA TYR B 88 -7.51 25.42 7.89
C TYR B 88 -7.91 26.33 6.73
N HIS B 89 -7.53 25.92 5.51
CA HIS B 89 -7.81 26.61 4.25
C HIS B 89 -6.89 27.81 4.00
N CYS B 90 -6.25 28.34 5.04
CA CYS B 90 -5.53 29.60 4.96
C CYS B 90 -4.10 29.40 4.47
N ASP B 91 -3.33 30.48 4.48
CA ASP B 91 -1.87 30.43 4.28
C ASP B 91 -1.19 31.13 5.46
N SER B 92 0.12 31.36 5.37
CA SER B 92 0.86 31.93 6.49
C SER B 92 0.54 33.39 6.76
N GLY B 93 -0.32 34.03 5.98
CA GLY B 93 -0.73 35.38 6.27
C GLY B 93 0.20 36.44 5.70
N ASP B 94 -0.17 37.69 5.98
CA ASP B 94 0.57 38.83 5.46
C ASP B 94 1.99 38.87 6.03
N TRP B 95 2.94 39.24 5.17
CA TRP B 95 4.33 39.35 5.61
C TRP B 95 4.49 40.38 6.72
N VAL B 96 3.77 41.51 6.60
CA VAL B 96 3.95 42.60 7.56
C VAL B 96 3.43 42.26 8.94
N ASP B 97 2.59 41.22 9.07
CA ASP B 97 2.10 40.83 10.38
C ASP B 97 3.23 40.40 11.32
N LYS B 98 4.38 40.02 10.76
CA LYS B 98 5.50 39.53 11.54
C LYS B 98 6.51 40.60 11.89
N ILE B 99 6.35 41.83 11.39
CA ILE B 99 7.38 42.86 11.59
C ILE B 99 7.56 43.16 13.07
N GLY B 100 6.46 43.23 13.82
CA GLY B 100 6.55 43.62 15.22
C GLY B 100 7.33 42.62 16.06
N ILE B 101 7.01 41.34 15.93
CA ILE B 101 7.64 40.33 16.77
C ILE B 101 9.11 40.15 16.40
N VAL B 102 9.46 40.30 15.11
CA VAL B 102 10.86 40.18 14.71
C VAL B 102 11.65 41.41 15.13
N ALA B 103 11.03 42.59 15.14
CA ALA B 103 11.71 43.80 15.57
C ALA B 103 12.14 43.71 17.04
N GLU B 104 11.48 42.89 17.83
CA GLU B 104 11.85 42.69 19.23
C GLU B 104 13.05 41.78 19.39
N GLY B 105 13.60 41.25 18.30
CA GLY B 105 14.73 40.34 18.38
C GLY B 105 14.31 38.88 18.36
N ASN B 106 13.53 38.51 17.35
CA ASN B 106 13.10 37.12 17.18
C ASN B 106 13.18 36.77 15.70
N VAL B 107 13.26 35.47 15.43
CA VAL B 107 13.21 34.95 14.08
C VAL B 107 11.90 34.19 13.92
N VAL B 108 11.15 34.50 12.87
CA VAL B 108 9.84 33.91 12.63
C VAL B 108 9.93 33.02 11.39
N LEU B 109 9.49 31.78 11.54
CA LEU B 109 9.29 30.87 10.41
C LEU B 109 7.80 30.58 10.34
N ALA B 110 7.14 31.10 9.32
CA ALA B 110 5.71 30.90 9.11
C ALA B 110 5.55 29.84 8.02
N LEU B 111 5.17 28.64 8.42
CA LEU B 111 5.10 27.50 7.52
C LEU B 111 3.76 27.48 6.79
N ASP B 112 3.81 27.19 5.48
CA ASP B 112 2.61 26.98 4.69
C ASP B 112 2.25 25.51 4.68
N CYS B 113 0.99 25.20 4.98
CA CYS B 113 0.54 23.82 4.93
C CYS B 113 0.40 23.36 3.47
N ARG B 114 0.51 22.05 3.27
CA ARG B 114 0.53 21.49 1.93
C ARG B 114 -0.85 21.57 1.29
N GLY B 115 -0.89 22.08 0.05
CA GLY B 115 -2.10 22.04 -0.75
C GLY B 115 -3.29 22.81 -0.19
N GLN B 116 -3.05 23.84 0.61
CA GLN B 116 -4.12 24.66 1.17
C GLN B 116 -4.06 26.05 0.52
N GLY B 117 -4.08 27.14 1.28
CA GLY B 117 -4.04 28.46 0.68
C GLY B 117 -2.65 28.94 0.28
N GLY B 118 -1.60 28.33 0.83
CA GLY B 118 -0.24 28.73 0.55
C GLY B 118 0.35 28.07 -0.69
N LEU B 119 1.69 28.06 -0.73
CA LEU B 119 2.44 27.59 -1.89
C LEU B 119 2.98 26.17 -1.73
N SER B 120 2.87 25.56 -0.54
CA SER B 120 3.41 24.23 -0.33
C SER B 120 2.62 23.18 -1.10
N GLN B 121 3.33 22.15 -1.57
CA GLN B 121 2.74 21.12 -2.42
C GLN B 121 2.19 19.97 -1.59
N ASP B 122 1.02 19.49 -1.97
CA ASP B 122 0.45 18.25 -1.45
C ASP B 122 0.63 17.16 -2.50
N ASN B 123 1.32 16.08 -2.12
CA ASN B 123 1.61 14.99 -3.03
C ASN B 123 1.00 13.67 -2.58
N ILE B 124 -0.02 13.71 -1.73
CA ILE B 124 -0.73 12.50 -1.34
C ILE B 124 -1.44 11.91 -2.55
N GLN B 125 -1.26 10.62 -2.77
CA GLN B 125 -1.94 9.90 -3.83
C GLN B 125 -2.78 8.79 -3.21
N THR B 126 -4.00 8.61 -3.73
CA THR B 126 -4.93 7.65 -3.15
C THR B 126 -5.90 7.15 -4.21
N MET B 127 -6.47 5.98 -3.93
CA MET B 127 -7.53 5.42 -4.75
C MET B 127 -8.93 5.81 -4.25
N GLY B 128 -9.03 6.55 -3.16
CA GLY B 128 -10.30 6.89 -2.54
C GLY B 128 -10.73 8.32 -2.80
N MET B 129 -11.51 8.86 -1.86
CA MET B 129 -12.17 10.14 -2.07
C MET B 129 -11.17 11.29 -1.98
N THR B 130 -11.20 12.16 -2.99
CA THR B 130 -10.36 13.36 -3.03
C THR B 130 -11.19 14.63 -3.17
N MET B 131 -12.51 14.55 -3.02
CA MET B 131 -13.36 15.72 -3.25
C MET B 131 -13.04 16.83 -2.25
N LYS B 132 -13.00 16.50 -0.97
CA LYS B 132 -12.80 17.53 0.04
C LYS B 132 -12.19 16.91 1.29
N GLY B 133 -11.63 17.77 2.14
CA GLY B 133 -11.10 17.36 3.41
C GLY B 133 -9.68 16.84 3.35
N LEU B 134 -8.85 17.29 4.29
CA LEU B 134 -7.47 16.85 4.36
C LEU B 134 -7.19 15.98 5.58
N ILE B 135 -8.17 15.82 6.47
CA ILE B 135 -8.03 14.84 7.55
C ILE B 135 -8.14 13.42 7.00
N VAL B 136 -9.01 13.21 6.02
CA VAL B 136 -9.27 11.89 5.48
C VAL B 136 -8.59 11.67 4.14
N ARG B 137 -7.76 12.62 3.70
CA ARG B 137 -7.08 12.48 2.42
C ARG B 137 -6.07 11.34 2.48
N GLY B 138 -6.30 10.30 1.69
CA GLY B 138 -5.41 9.16 1.66
C GLY B 138 -5.73 8.07 2.66
N ILE B 139 -6.90 8.12 3.30
CA ILE B 139 -7.22 7.18 4.37
C ILE B 139 -7.42 5.75 3.86
N ASP B 140 -7.77 5.57 2.59
CA ASP B 140 -8.03 4.21 2.10
C ASP B 140 -6.77 3.35 2.14
N GLU B 141 -5.60 3.94 1.90
CA GLU B 141 -4.34 3.22 1.95
C GLU B 141 -3.79 3.08 3.36
N GLY B 142 -4.61 3.33 4.38
CA GLY B 142 -4.17 3.23 5.76
C GLY B 142 -3.59 4.53 6.29
N TYR B 143 -3.32 4.52 7.60
CA TYR B 143 -2.84 5.72 8.27
C TYR B 143 -1.51 6.19 7.72
N GLU B 144 -0.71 5.30 7.13
CA GLU B 144 0.58 5.70 6.58
C GLU B 144 0.41 6.71 5.45
N ASN B 145 -0.72 6.69 4.75
CA ASN B 145 -0.96 7.58 3.62
C ASN B 145 -1.79 8.81 4.00
N LEU B 146 -2.04 9.01 5.29
CA LEU B 146 -2.82 10.17 5.72
C LEU B 146 -2.06 11.45 5.44
N TYR B 147 -2.80 12.49 5.05
CA TYR B 147 -2.20 13.77 4.69
C TYR B 147 -1.40 14.36 5.85
N TYR B 148 -1.94 14.26 7.08
CA TYR B 148 -1.32 14.91 8.22
C TYR B 148 -0.09 14.18 8.74
N VAL B 149 0.14 12.93 8.33
CA VAL B 149 1.38 12.26 8.67
C VAL B 149 2.57 13.00 8.04
N ARG B 150 2.45 13.35 6.77
CA ARG B 150 3.50 14.12 6.11
C ARG B 150 3.47 15.58 6.55
N GLN B 151 2.28 16.10 6.87
CA GLN B 151 2.19 17.46 7.36
C GLN B 151 2.82 17.61 8.74
N PHE B 152 2.70 16.58 9.58
CA PHE B 152 3.39 16.60 10.87
C PHE B 152 4.89 16.49 10.69
N MET B 153 5.34 15.69 9.71
CA MET B 153 6.78 15.59 9.45
C MET B 153 7.35 16.89 8.93
N ASP B 154 6.54 17.70 8.24
CA ASP B 154 7.00 19.03 7.85
C ASP B 154 7.27 19.91 9.06
N LEU B 155 6.54 19.70 10.16
CA LEU B 155 6.81 20.47 11.37
C LEU B 155 8.19 20.16 11.92
N ILE B 156 8.53 18.87 12.01
CA ILE B 156 9.85 18.47 12.47
C ILE B 156 10.93 19.00 11.51
N THR B 157 10.69 18.85 10.21
CA THR B 157 11.66 19.30 9.22
C THR B 157 11.87 20.81 9.30
N ALA B 158 10.78 21.57 9.43
CA ALA B 158 10.91 23.02 9.59
C ALA B 158 11.65 23.37 10.87
N THR B 159 11.40 22.63 11.95
CA THR B 159 12.10 22.89 13.20
C THR B 159 13.60 22.59 13.08
N LYS B 160 13.94 21.50 12.41
CA LYS B 160 15.35 21.13 12.24
C LYS B 160 16.10 22.19 11.45
N ILE B 161 15.52 22.64 10.33
CA ILE B 161 16.19 23.65 9.51
C ILE B 161 16.36 24.94 10.28
N LEU B 162 15.32 25.36 11.01
CA LEU B 162 15.39 26.61 11.75
C LEU B 162 16.45 26.56 12.84
N SER B 163 16.57 25.42 13.52
CA SER B 163 17.55 25.29 14.60
C SER B 163 18.97 25.29 14.07
N GLU B 164 19.17 24.90 12.82
CA GLU B 164 20.49 24.79 12.22
C GLU B 164 20.96 26.11 11.61
N PHE B 165 20.24 27.20 11.83
CA PHE B 165 20.70 28.51 11.41
C PHE B 165 21.71 29.04 12.42
N ASP B 166 22.73 29.74 11.90
CA ASP B 166 23.78 30.28 12.78
C ASP B 166 23.31 31.47 13.59
N PHE B 167 22.17 32.07 13.23
CA PHE B 167 21.63 33.23 13.94
C PHE B 167 20.39 32.88 14.75
N VAL B 168 20.07 31.60 14.90
CA VAL B 168 18.93 31.15 15.67
C VAL B 168 19.45 30.48 16.93
N ASP B 169 19.09 31.02 18.08
CA ASP B 169 19.37 30.38 19.36
C ASP B 169 18.50 29.14 19.46
N GLU B 170 19.08 27.97 19.19
CA GLU B 170 18.30 26.73 19.20
C GLU B 170 17.81 26.38 20.59
N THR B 171 18.34 27.00 21.64
CA THR B 171 17.86 26.73 23.00
C THR B 171 16.57 27.46 23.32
N ASN B 172 16.16 28.46 22.53
CA ASN B 172 14.93 29.22 22.77
C ASN B 172 14.11 29.27 21.48
N ILE B 173 13.56 28.13 21.09
CA ILE B 173 12.66 28.01 19.95
C ILE B 173 11.25 27.72 20.48
N SER B 174 10.27 28.48 20.02
CA SER B 174 8.89 28.28 20.44
C SER B 174 7.99 28.14 19.21
N ALA B 175 6.77 27.68 19.43
CA ALA B 175 5.81 27.43 18.36
C ALA B 175 4.46 28.01 18.74
N GLN B 176 3.77 28.57 17.76
CA GLN B 176 2.46 29.18 17.98
C GLN B 176 1.58 29.01 16.75
N GLY B 177 0.28 29.10 16.97
CA GLY B 177 -0.68 28.99 15.89
C GLY B 177 -2.09 28.98 16.43
N ALA B 178 -3.04 29.17 15.52
CA ALA B 178 -4.46 29.20 15.86
C ALA B 178 -5.21 28.14 15.06
N SER B 179 -6.16 27.48 15.75
CA SER B 179 -6.99 26.43 15.17
C SER B 179 -6.13 25.29 14.64
N GLN B 180 -6.05 25.13 13.31
CA GLN B 180 -5.09 24.17 12.76
C GLN B 180 -3.67 24.54 13.15
N GLY B 181 -3.36 25.83 13.14
CA GLY B 181 -2.04 26.27 13.58
C GLY B 181 -1.76 25.93 15.03
N GLY B 182 -2.80 26.03 15.88
CA GLY B 182 -2.63 25.62 17.26
C GLY B 182 -2.40 24.13 17.40
N ALA B 183 -3.12 23.33 16.61
CA ALA B 183 -2.90 21.88 16.61
C ALA B 183 -1.49 21.55 16.17
N LEU B 184 -1.02 22.18 15.09
CA LEU B 184 0.33 21.92 14.60
C LEU B 184 1.38 22.45 15.57
N ALA B 185 1.10 23.57 16.24
CA ALA B 185 2.02 24.06 17.26
C ALA B 185 2.16 23.04 18.38
N VAL B 186 1.04 22.46 18.81
CA VAL B 186 1.08 21.40 19.83
C VAL B 186 1.84 20.20 19.30
N ALA B 187 1.53 19.78 18.06
CA ALA B 187 2.20 18.64 17.46
C ALA B 187 3.70 18.90 17.29
N CYS B 188 4.07 20.15 16.98
CA CYS B 188 5.48 20.48 16.81
C CYS B 188 6.26 20.26 18.10
N ALA B 189 5.67 20.63 19.24
CA ALA B 189 6.34 20.43 20.52
C ALA B 189 6.41 18.96 20.90
N ALA B 190 5.40 18.18 20.51
CA ALA B 190 5.41 16.76 20.83
C ALA B 190 6.48 16.02 20.03
N LEU B 191 6.61 16.36 18.74
CA LEU B 191 7.54 15.68 17.86
C LEU B 191 8.96 16.25 17.93
N SER B 192 9.12 17.44 18.49
CA SER B 192 10.44 18.04 18.72
C SER B 192 10.44 18.57 20.14
N PRO B 193 10.69 17.69 21.13
CA PRO B 193 10.55 18.10 22.53
C PRO B 193 11.50 19.21 22.97
N LEU B 194 12.53 19.53 22.18
CA LEU B 194 13.41 20.63 22.53
C LEU B 194 12.71 21.98 22.51
N ILE B 195 11.56 22.08 21.81
CA ILE B 195 10.79 23.33 21.78
C ILE B 195 10.53 23.80 23.21
N LYS B 196 10.71 25.10 23.44
CA LYS B 196 10.65 25.65 24.79
C LYS B 196 9.27 26.12 25.20
N LYS B 197 8.48 26.67 24.27
CA LYS B 197 7.19 27.25 24.64
C LYS B 197 6.19 27.02 23.52
N VAL B 198 4.92 26.87 23.90
CA VAL B 198 3.84 26.69 22.96
C VAL B 198 2.68 27.59 23.36
N THR B 199 2.18 28.36 22.41
CA THR B 199 0.98 29.19 22.58
C THR B 199 -0.03 28.73 21.53
N ALA B 200 -1.01 27.95 21.95
CA ALA B 200 -1.96 27.32 21.03
C ALA B 200 -3.35 27.91 21.25
N THR B 201 -3.99 28.32 20.15
CA THR B 201 -5.31 28.94 20.18
C THR B 201 -6.33 28.01 19.54
N TYR B 202 -7.41 27.70 20.30
CA TYR B 202 -8.43 26.68 20.03
C TYR B 202 -7.94 25.62 19.05
N PRO B 203 -7.01 24.75 19.47
CA PRO B 203 -6.42 23.80 18.53
C PRO B 203 -7.42 22.81 17.97
N PHE B 204 -7.22 22.46 16.70
CA PHE B 204 -8.04 21.56 15.92
C PHE B 204 -7.43 20.16 16.00
N LEU B 205 -7.94 19.21 15.21
CA LEU B 205 -7.29 17.91 15.00
C LEU B 205 -7.16 17.12 16.30
N SER B 206 -8.18 17.16 17.15
CA SER B 206 -8.14 16.48 18.43
C SER B 206 -9.47 15.79 18.71
N ASP B 207 -9.40 14.56 19.25
CA ASP B 207 -10.56 13.85 19.76
C ASP B 207 -11.58 13.55 18.66
N TYR B 208 -11.09 12.89 17.60
CA TYR B 208 -11.92 12.67 16.41
C TYR B 208 -13.21 11.92 16.72
N ARG B 209 -13.13 10.90 17.58
CA ARG B 209 -14.34 10.13 17.89
C ARG B 209 -15.37 10.98 18.60
N LYS B 210 -14.93 11.82 19.55
CA LYS B 210 -15.86 12.70 20.25
C LYS B 210 -16.40 13.79 19.32
N ALA B 211 -15.53 14.37 18.48
CA ALA B 211 -15.97 15.38 17.54
C ALA B 211 -17.05 14.83 16.61
N TYR B 212 -16.92 13.56 16.23
CA TYR B 212 -17.97 12.93 15.43
C TYR B 212 -19.22 12.68 16.25
N GLU B 213 -19.05 12.24 17.50
CA GLU B 213 -20.19 11.88 18.34
C GLU B 213 -21.09 13.07 18.63
N LEU B 214 -20.51 14.27 18.73
CA LEU B 214 -21.27 15.48 19.00
C LEU B 214 -22.14 15.92 17.82
N GLY B 215 -21.92 15.35 16.64
CA GLY B 215 -22.57 15.88 15.44
C GLY B 215 -21.76 17.01 14.87
N ALA B 216 -20.95 16.72 13.85
CA ALA B 216 -19.92 17.63 13.39
C ALA B 216 -20.29 18.34 12.09
N GLU B 217 -21.56 18.25 11.66
CA GLU B 217 -21.93 18.80 10.35
C GLU B 217 -21.71 20.30 10.28
N GLU B 218 -21.80 21.01 11.40
CA GLU B 218 -21.60 22.44 11.43
C GLU B 218 -20.27 22.86 12.05
N SER B 219 -19.41 21.91 12.40
CA SER B 219 -18.11 22.21 12.99
C SER B 219 -17.00 22.00 11.95
N ALA B 220 -15.77 22.30 12.35
CA ALA B 220 -14.63 22.07 11.48
C ALA B 220 -14.35 20.59 11.23
N PHE B 221 -14.98 19.69 11.98
CA PHE B 221 -14.82 18.26 11.79
C PHE B 221 -15.85 17.68 10.82
N GLU B 222 -16.49 18.52 10.01
CA GLU B 222 -17.58 18.07 9.15
C GLU B 222 -17.13 17.01 8.15
N GLU B 223 -15.84 16.91 7.85
CA GLU B 223 -15.37 15.87 6.94
C GLU B 223 -15.68 14.48 7.46
N LEU B 224 -15.73 14.31 8.79
CA LEU B 224 -15.93 12.97 9.35
C LEU B 224 -17.34 12.45 9.05
N PRO B 225 -18.43 13.17 9.36
CA PRO B 225 -19.74 12.67 8.89
C PRO B 225 -19.85 12.68 7.38
N TYR B 226 -19.17 13.61 6.70
CA TYR B 226 -19.20 13.63 5.24
C TYR B 226 -18.65 12.35 4.65
N TRP B 227 -17.54 11.84 5.21
CA TRP B 227 -16.95 10.62 4.68
C TRP B 227 -17.92 9.44 4.81
N PHE B 228 -18.56 9.31 5.96
CA PHE B 228 -19.55 8.26 6.13
C PHE B 228 -20.76 8.49 5.22
N GLN B 229 -21.14 9.75 5.01
CA GLN B 229 -22.33 10.05 4.22
C GLN B 229 -22.19 9.53 2.79
N PHE B 230 -20.98 9.61 2.23
CA PHE B 230 -20.78 9.25 0.83
C PHE B 230 -19.92 8.02 0.62
N LYS B 231 -19.13 7.59 1.60
CA LYS B 231 -18.30 6.41 1.43
C LYS B 231 -18.78 5.20 2.22
N ASP B 232 -19.53 5.39 3.31
CA ASP B 232 -19.93 4.27 4.14
C ASP B 232 -21.17 4.61 4.96
N PRO B 233 -22.32 4.86 4.31
CA PRO B 233 -23.50 5.32 5.05
C PRO B 233 -24.02 4.32 6.06
N LEU B 234 -23.76 3.03 5.87
CA LEU B 234 -24.18 2.01 6.81
C LEU B 234 -23.17 1.78 7.92
N HIS B 235 -22.06 2.53 7.93
CA HIS B 235 -21.02 2.42 8.96
C HIS B 235 -20.45 1.01 9.05
N LEU B 236 -20.14 0.43 7.89
CA LEU B 236 -19.53 -0.89 7.84
C LEU B 236 -18.05 -0.86 8.17
N ARG B 237 -17.42 0.31 8.11
CA ARG B 237 -15.99 0.49 8.33
C ARG B 237 -15.73 1.56 9.38
N GLU B 238 -16.64 1.71 10.35
CA GLU B 238 -16.51 2.76 11.35
C GLU B 238 -15.30 2.52 12.26
N ASP B 239 -15.11 1.29 12.73
CA ASP B 239 -13.99 0.99 13.59
C ASP B 239 -12.67 1.24 12.88
N TRP B 240 -12.55 0.75 11.65
CA TRP B 240 -11.33 0.97 10.86
C TRP B 240 -11.09 2.44 10.59
N PHE B 241 -12.17 3.21 10.39
CA PHE B 241 -12.04 4.63 10.05
C PHE B 241 -11.36 5.40 11.17
N PHE B 242 -11.88 5.28 12.39
CA PHE B 242 -11.31 6.02 13.50
C PHE B 242 -10.00 5.42 14.01
N ASN B 243 -9.73 4.14 13.69
CA ASN B 243 -8.44 3.57 14.04
C ASN B 243 -7.31 4.18 13.22
N GLN B 244 -7.58 4.59 11.99
CA GLN B 244 -6.57 5.28 11.20
C GLN B 244 -6.28 6.67 11.76
N LEU B 245 -7.33 7.38 12.20
CA LEU B 245 -7.16 8.76 12.65
C LEU B 245 -6.45 8.89 13.99
N GLU B 246 -6.35 7.79 14.76
CA GLU B 246 -5.61 7.84 16.02
C GLU B 246 -4.18 8.35 15.82
N TYR B 247 -3.57 8.02 14.69
CA TYR B 247 -2.18 8.38 14.43
C TYR B 247 -1.99 9.88 14.17
N ILE B 248 -3.07 10.62 13.94
CA ILE B 248 -2.99 12.06 13.73
C ILE B 248 -3.84 12.83 14.74
N ASP B 249 -4.24 12.17 15.82
CA ASP B 249 -4.96 12.82 16.92
C ASP B 249 -3.93 13.37 17.89
N ILE B 250 -3.86 14.70 18.00
CA ILE B 250 -2.80 15.33 18.80
C ILE B 250 -2.92 14.99 20.27
N GLN B 251 -4.08 14.53 20.74
CA GLN B 251 -4.19 14.10 22.13
C GLN B 251 -3.33 12.88 22.41
N ASN B 252 -3.06 12.08 21.39
CA ASN B 252 -2.13 10.96 21.55
C ASN B 252 -0.70 11.42 21.59
N LEU B 253 -0.40 12.60 21.03
CA LEU B 253 0.94 13.19 21.10
C LEU B 253 1.16 14.05 22.34
N ALA B 254 0.09 14.55 22.96
CA ALA B 254 0.23 15.49 24.07
C ALA B 254 1.15 15.03 25.21
N PRO B 255 1.14 13.77 25.65
CA PRO B 255 2.00 13.40 26.79
C PRO B 255 3.49 13.61 26.57
N ARG B 256 3.99 13.55 25.33
CA ARG B 256 5.43 13.67 25.12
C ARG B 256 5.92 15.12 25.04
N ILE B 257 5.07 16.10 25.36
CA ILE B 257 5.43 17.51 25.25
C ILE B 257 6.17 17.94 26.51
N LYS B 258 7.31 18.61 26.33
CA LYS B 258 8.08 19.18 27.43
C LYS B 258 8.04 20.70 27.47
N ALA B 259 7.55 21.35 26.42
CA ALA B 259 7.50 22.81 26.41
C ALA B 259 6.44 23.32 27.37
N GLU B 260 6.62 24.56 27.81
CA GLU B 260 5.56 25.25 28.53
C GLU B 260 4.42 25.54 27.55
N VAL B 261 3.19 25.32 27.99
CA VAL B 261 2.02 25.40 27.14
C VAL B 261 1.13 26.52 27.62
N ILE B 262 0.79 27.44 26.72
CA ILE B 262 -0.24 28.44 26.94
C ILE B 262 -1.38 28.09 26.00
N TRP B 263 -2.56 27.82 26.57
CA TRP B 263 -3.71 27.34 25.81
C TRP B 263 -4.81 28.38 25.89
N ILE B 264 -5.24 28.90 24.75
CA ILE B 264 -6.25 29.95 24.68
C ILE B 264 -7.41 29.45 23.83
N LEU B 265 -8.64 29.72 24.29
CA LEU B 265 -9.82 29.33 23.53
C LEU B 265 -10.95 30.29 23.81
N GLY B 266 -11.94 30.26 22.94
CA GLY B 266 -13.17 31.02 23.12
C GLY B 266 -14.29 30.10 23.56
N GLY B 267 -15.07 30.56 24.55
CA GLY B 267 -16.09 29.73 25.17
C GLY B 267 -17.28 29.39 24.28
N LYS B 268 -17.56 30.19 23.26
CA LYS B 268 -18.70 29.97 22.40
C LYS B 268 -18.32 29.29 21.08
N ASP B 269 -17.16 28.65 21.04
CA ASP B 269 -16.61 28.07 19.82
C ASP B 269 -17.41 26.82 19.45
N THR B 270 -18.16 26.88 18.35
CA THR B 270 -18.80 25.70 17.79
C THR B 270 -18.03 25.12 16.61
N VAL B 271 -17.05 25.84 16.06
CA VAL B 271 -16.24 25.31 14.98
C VAL B 271 -15.33 24.21 15.50
N VAL B 272 -14.57 24.51 16.55
CA VAL B 272 -13.75 23.51 17.24
C VAL B 272 -14.22 23.46 18.68
N PRO B 273 -15.12 22.53 19.02
CA PRO B 273 -15.74 22.52 20.36
C PRO B 273 -14.68 22.39 21.44
N PRO B 274 -14.79 23.16 22.53
CA PRO B 274 -13.78 23.10 23.59
C PRO B 274 -13.57 21.73 24.20
N ILE B 275 -14.59 20.88 24.23
CA ILE B 275 -14.43 19.57 24.87
C ILE B 275 -13.41 18.72 24.12
N THR B 276 -13.38 18.82 22.79
CA THR B 276 -12.39 18.09 22.02
C THR B 276 -10.99 18.64 22.25
N GLN B 277 -10.87 19.95 22.49
CA GLN B 277 -9.56 20.52 22.79
C GLN B 277 -9.06 20.04 24.14
N MET B 278 -9.95 19.91 25.12
CA MET B 278 -9.56 19.50 26.46
C MET B 278 -9.08 18.05 26.51
N ALA B 279 -9.47 17.23 25.52
CA ALA B 279 -8.90 15.89 25.44
C ALA B 279 -7.38 15.93 25.31
N ALA B 280 -6.86 16.91 24.54
CA ALA B 280 -5.41 17.04 24.39
C ALA B 280 -4.80 17.82 25.54
N TYR B 281 -5.45 18.92 25.96
CA TYR B 281 -4.90 19.77 27.00
C TYR B 281 -4.78 19.02 28.33
N ASN B 282 -5.78 18.22 28.68
CA ASN B 282 -5.75 17.50 29.95
C ASN B 282 -4.64 16.47 30.00
N LYS B 283 -4.14 16.02 28.85
CA LYS B 283 -3.08 15.03 28.80
C LYS B 283 -1.69 15.65 28.70
N ILE B 284 -1.57 16.98 28.71
CA ILE B 284 -0.26 17.61 28.74
C ILE B 284 0.29 17.56 30.16
N GLN B 285 1.53 17.10 30.28
CA GLN B 285 2.15 16.87 31.58
C GLN B 285 3.17 17.93 31.97
N SER B 286 3.60 18.77 31.04
CA SER B 286 4.50 19.86 31.37
C SER B 286 3.71 21.01 31.97
N LYS B 287 4.38 22.14 32.22
CA LYS B 287 3.69 23.30 32.76
C LYS B 287 2.72 23.88 31.73
N LYS B 288 1.47 24.06 32.12
CA LYS B 288 0.42 24.49 31.21
C LYS B 288 -0.52 25.46 31.90
N SER B 289 -1.09 26.37 31.12
CA SER B 289 -2.08 27.32 31.60
C SER B 289 -3.18 27.44 30.57
N LEU B 290 -4.41 27.69 31.04
CA LEU B 290 -5.60 27.69 30.20
C LEU B 290 -6.33 29.01 30.37
N TYR B 291 -6.55 29.71 29.25
CA TYR B 291 -7.23 31.01 29.26
C TYR B 291 -8.45 30.94 28.37
N VAL B 292 -9.58 31.46 28.87
CA VAL B 292 -10.88 31.31 28.23
C VAL B 292 -11.51 32.70 28.09
N LEU B 293 -11.98 33.01 26.88
CA LEU B 293 -12.83 34.17 26.67
C LEU B 293 -14.26 33.71 26.49
N PRO B 294 -15.15 33.92 27.47
CA PRO B 294 -16.48 33.30 27.42
C PRO B 294 -17.36 33.78 26.27
N GLU B 295 -17.25 35.04 25.86
CA GLU B 295 -18.13 35.57 24.82
C GLU B 295 -17.65 35.28 23.40
N TYR B 296 -16.52 34.61 23.27
CA TYR B 296 -15.92 34.25 21.99
C TYR B 296 -15.99 32.72 21.92
N GLY B 297 -15.94 32.11 20.73
CA GLY B 297 -15.71 32.71 19.43
C GLY B 297 -14.52 32.07 18.72
N HIS B 298 -14.76 31.37 17.61
CA HIS B 298 -13.66 30.86 16.78
C HIS B 298 -13.23 32.00 15.87
N GLU B 299 -12.61 32.99 16.50
CA GLU B 299 -12.35 34.28 15.88
C GLU B 299 -11.16 34.90 16.60
N TYR B 300 -10.82 36.12 16.20
CA TYR B 300 -9.75 36.85 16.87
C TYR B 300 -10.12 37.06 18.34
N LEU B 301 -9.16 36.75 19.22
CA LEU B 301 -9.37 36.87 20.66
C LEU B 301 -8.63 38.09 21.18
N PRO B 302 -9.33 39.13 21.62
CA PRO B 302 -8.66 40.36 22.04
C PRO B 302 -8.13 40.28 23.48
N LYS B 303 -7.30 41.27 23.82
CA LYS B 303 -6.79 41.51 25.17
C LYS B 303 -5.84 40.45 25.69
N ILE B 304 -6.05 39.18 25.33
CA ILE B 304 -5.23 38.11 25.91
C ILE B 304 -3.77 38.27 25.53
N SER B 305 -3.48 38.85 24.35
CA SER B 305 -2.09 39.01 23.94
C SER B 305 -1.38 40.06 24.79
N ASP B 306 -2.06 41.15 25.14
CA ASP B 306 -1.47 42.13 26.05
C ASP B 306 -1.29 41.54 27.45
N TRP B 307 -2.28 40.77 27.91
CA TRP B 307 -2.21 40.16 29.25
C TRP B 307 -1.03 39.22 29.38
N LEU B 308 -0.66 38.53 28.30
CA LEU B 308 0.45 37.58 28.37
C LEU B 308 1.81 38.25 28.31
N ARG B 309 1.86 39.53 27.91
CA ARG B 309 3.10 40.28 28.02
C ARG B 309 3.41 40.61 29.47
N GLU B 310 2.40 40.99 30.24
CA GLU B 310 2.59 41.36 31.65
C GLU B 310 2.62 40.11 32.53
N ASN C 5 5.86 -54.36 10.74
CA ASN C 5 5.71 -54.79 12.13
C ASN C 5 6.47 -53.86 13.08
N ASN C 6 7.66 -53.44 12.66
CA ASN C 6 8.45 -52.51 13.46
C ASN C 6 7.82 -51.12 13.56
N TRP C 7 6.99 -50.74 12.57
CA TRP C 7 6.30 -49.45 12.64
C TRP C 7 5.48 -49.32 13.93
N GLN C 8 4.93 -50.44 14.42
CA GLN C 8 4.28 -50.43 15.72
C GLN C 8 5.25 -50.03 16.83
N ASP C 9 6.45 -50.61 16.81
CA ASP C 9 7.42 -50.44 17.88
C ASP C 9 8.25 -49.17 17.77
N TYR C 10 8.10 -48.39 16.71
CA TYR C 10 8.87 -47.16 16.58
C TYR C 10 8.30 -46.10 17.53
N GLN C 11 9.12 -45.65 18.49
CA GLN C 11 8.68 -44.69 19.49
C GLN C 11 8.99 -43.25 19.11
N GLY C 12 9.65 -43.02 17.98
CA GLY C 12 10.03 -41.68 17.58
C GLY C 12 11.37 -41.27 18.16
N SER C 13 11.88 -40.14 17.65
CA SER C 13 13.18 -39.63 18.09
C SER C 13 13.06 -38.27 18.78
N SER C 14 11.85 -37.87 19.17
CA SER C 14 11.63 -36.54 19.72
C SER C 14 12.11 -36.47 21.16
N LEU C 15 12.43 -35.24 21.59
CA LEU C 15 12.85 -34.95 22.95
C LEU C 15 11.85 -33.96 23.55
N LYS C 16 10.65 -34.44 23.82
CA LYS C 16 9.55 -33.58 24.24
C LYS C 16 9.94 -32.79 25.48
N PRO C 17 9.93 -31.46 25.42
CA PRO C 17 10.29 -30.67 26.61
C PRO C 17 9.22 -30.74 27.68
N GLU C 18 9.64 -30.54 28.92
CA GLU C 18 8.70 -30.51 30.04
C GLU C 18 7.69 -29.39 29.90
N ASP C 19 8.09 -28.27 29.30
CA ASP C 19 7.26 -27.08 29.19
C ASP C 19 6.32 -27.14 27.98
N PHE C 20 6.36 -28.23 27.22
CA PHE C 20 5.59 -28.32 25.97
C PHE C 20 4.10 -28.13 26.22
N ASP C 21 3.54 -28.89 27.17
CA ASP C 21 2.09 -28.89 27.36
C ASP C 21 1.59 -27.57 27.95
N LYS C 22 2.35 -26.96 28.85
CA LYS C 22 1.96 -25.65 29.37
C LYS C 22 1.88 -24.61 28.26
N PHE C 23 2.82 -24.67 27.31
CA PHE C 23 2.82 -23.73 26.20
C PHE C 23 1.53 -23.85 25.38
N TRP C 24 1.16 -25.08 25.00
CA TRP C 24 -0.01 -25.23 24.15
C TRP C 24 -1.31 -25.10 24.92
N ASP C 25 -1.30 -25.41 26.23
CA ASP C 25 -2.47 -25.14 27.05
C ASP C 25 -2.78 -23.65 27.08
N GLU C 26 -1.74 -22.82 27.21
CA GLU C 26 -1.93 -21.38 27.22
C GLU C 26 -2.49 -20.88 25.89
N LYS C 27 -2.00 -21.43 24.78
CA LYS C 27 -2.48 -21.02 23.46
C LYS C 27 -3.95 -21.40 23.26
N ILE C 28 -4.35 -22.57 23.76
CA ILE C 28 -5.76 -22.97 23.69
C ILE C 28 -6.62 -22.00 24.51
N ASN C 29 -6.16 -21.64 25.71
CA ASN C 29 -6.91 -20.71 26.54
C ASN C 29 -7.04 -19.35 25.87
N LEU C 30 -5.97 -18.89 25.22
CA LEU C 30 -6.01 -17.59 24.55
C LEU C 30 -7.09 -17.55 23.47
N VAL C 31 -7.21 -18.62 22.69
CA VAL C 31 -8.22 -18.66 21.63
C VAL C 31 -9.62 -18.71 22.22
N SER C 32 -9.80 -19.47 23.31
CA SER C 32 -11.13 -19.62 23.90
C SER C 32 -11.64 -18.31 24.49
N ASN C 33 -10.76 -17.47 25.05
CA ASN C 33 -11.17 -16.22 25.67
C ASN C 33 -11.15 -15.04 24.72
N HIS C 34 -10.87 -15.26 23.44
CA HIS C 34 -10.82 -14.17 22.47
C HIS C 34 -12.08 -14.16 21.64
N GLN C 35 -12.67 -12.98 21.50
CA GLN C 35 -13.83 -12.78 20.62
C GLN C 35 -13.29 -12.40 19.26
N PHE C 36 -13.38 -13.32 18.30
CA PHE C 36 -12.81 -13.11 16.99
C PHE C 36 -13.82 -12.41 16.09
N GLU C 37 -13.34 -11.45 15.31
CA GLU C 37 -14.16 -10.80 14.31
C GLU C 37 -13.96 -11.50 12.98
N PHE C 38 -15.06 -11.91 12.36
CA PHE C 38 -15.00 -12.60 11.09
C PHE C 38 -16.06 -12.01 10.16
N GLU C 39 -15.97 -12.39 8.89
CA GLU C 39 -16.87 -11.85 7.88
C GLU C 39 -17.10 -12.92 6.82
N LEU C 40 -18.32 -12.98 6.31
CA LEU C 40 -18.70 -13.92 5.26
C LEU C 40 -19.09 -13.13 4.03
N ILE C 41 -18.41 -13.40 2.91
CA ILE C 41 -18.72 -12.77 1.64
C ILE C 41 -18.95 -13.87 0.63
N GLU C 42 -20.15 -13.92 0.07
CA GLU C 42 -20.51 -15.02 -0.83
C GLU C 42 -19.75 -14.90 -2.14
N LYS C 43 -19.13 -16.00 -2.57
CA LYS C 43 -18.46 -16.04 -3.87
C LYS C 43 -19.47 -16.47 -4.93
N ASN C 44 -19.41 -15.81 -6.08
CA ASN C 44 -20.37 -16.04 -7.16
C ASN C 44 -20.01 -17.30 -7.92
N LEU C 45 -20.61 -18.42 -7.51
CA LEU C 45 -20.55 -19.68 -8.23
C LEU C 45 -21.93 -20.29 -8.17
N SER C 46 -22.50 -20.63 -9.32
CA SER C 46 -23.90 -21.04 -9.40
C SER C 46 -24.01 -22.55 -9.24
N SER C 47 -24.80 -22.97 -8.25
CA SER C 47 -25.09 -24.37 -7.99
C SER C 47 -26.51 -24.46 -7.44
N LYS C 48 -27.16 -25.59 -7.70
CA LYS C 48 -28.51 -25.80 -7.23
C LYS C 48 -28.57 -26.43 -5.85
N VAL C 49 -27.45 -26.94 -5.35
CA VAL C 49 -27.43 -27.66 -4.07
C VAL C 49 -26.53 -27.04 -3.03
N VAL C 50 -25.66 -26.08 -3.41
CA VAL C 50 -24.67 -25.53 -2.48
C VAL C 50 -24.57 -24.02 -2.63
N ASN C 51 -24.15 -23.37 -1.54
CA ASN C 51 -23.73 -21.97 -1.53
C ASN C 51 -22.28 -21.87 -1.08
N PHE C 52 -21.57 -20.88 -1.62
CA PHE C 52 -20.14 -20.69 -1.35
C PHE C 52 -19.90 -19.33 -0.69
N TYR C 53 -19.01 -19.30 0.31
CA TYR C 53 -18.72 -18.09 1.06
C TYR C 53 -17.24 -17.95 1.33
N HIS C 54 -16.73 -16.74 1.13
CA HIS C 54 -15.41 -16.36 1.63
C HIS C 54 -15.48 -16.11 3.13
N LEU C 55 -14.58 -16.74 3.89
CA LEU C 55 -14.49 -16.55 5.34
C LEU C 55 -13.20 -15.82 5.67
N TRP C 56 -13.32 -14.59 6.17
CA TRP C 56 -12.18 -13.77 6.56
C TRP C 56 -12.28 -13.46 8.05
N PHE C 57 -11.25 -13.84 8.81
CA PHE C 57 -11.17 -13.47 10.21
C PHE C 57 -9.77 -12.96 10.52
N THR C 58 -9.66 -12.27 11.66
CA THR C 58 -8.39 -11.72 12.12
C THR C 58 -7.88 -12.60 13.24
N ALA C 59 -6.68 -13.14 13.06
CA ALA C 59 -6.10 -14.05 14.05
C ALA C 59 -5.66 -13.29 15.29
N ILE C 60 -5.26 -14.05 16.32
CA ILE C 60 -4.85 -13.46 17.59
C ILE C 60 -3.63 -12.56 17.42
N ASP C 61 -2.82 -12.79 16.38
CA ASP C 61 -1.62 -12.01 16.11
C ASP C 61 -1.85 -10.86 15.14
N GLY C 62 -3.09 -10.69 14.66
CA GLY C 62 -3.43 -9.61 13.76
C GLY C 62 -3.55 -10.00 12.31
N ALA C 63 -2.98 -11.13 11.92
CA ALA C 63 -2.99 -11.53 10.52
C ALA C 63 -4.40 -11.81 10.03
N LYS C 64 -4.63 -11.53 8.75
CA LYS C 64 -5.91 -11.73 8.11
C LYS C 64 -5.91 -13.10 7.44
N ILE C 65 -6.81 -13.98 7.89
CA ILE C 65 -6.81 -15.38 7.49
C ILE C 65 -8.06 -15.67 6.66
N HIS C 66 -7.87 -16.42 5.58
CA HIS C 66 -8.94 -16.71 4.63
C HIS C 66 -9.26 -18.20 4.64
N ALA C 67 -10.53 -18.51 4.41
CA ALA C 67 -10.97 -19.90 4.33
C ALA C 67 -12.13 -19.99 3.35
N GLN C 68 -12.29 -21.18 2.76
CA GLN C 68 -13.45 -21.47 1.94
C GLN C 68 -14.54 -22.07 2.81
N LEU C 69 -15.74 -21.49 2.76
CA LEU C 69 -16.90 -22.01 3.46
C LEU C 69 -17.91 -22.47 2.43
N ILE C 70 -18.27 -23.76 2.51
CA ILE C 70 -19.17 -24.39 1.55
C ILE C 70 -20.32 -25.02 2.34
N VAL C 71 -21.54 -24.58 2.06
CA VAL C 71 -22.69 -24.91 2.90
C VAL C 71 -23.88 -25.38 2.05
N PRO C 72 -24.74 -26.25 2.56
CA PRO C 72 -25.97 -26.60 1.84
C PRO C 72 -26.92 -25.42 1.75
N LYS C 73 -27.96 -25.58 0.93
CA LYS C 73 -28.90 -24.48 0.71
C LYS C 73 -29.85 -24.29 1.88
N ASN C 74 -30.30 -25.39 2.49
CA ASN C 74 -31.17 -25.31 3.66
C ASN C 74 -30.31 -25.08 4.89
N LEU C 75 -30.46 -23.92 5.53
CA LEU C 75 -29.70 -23.56 6.71
C LEU C 75 -30.51 -23.60 7.99
N LYS C 76 -31.79 -23.97 7.92
CA LYS C 76 -32.62 -24.00 9.11
C LYS C 76 -32.35 -25.19 10.02
N GLU C 77 -31.48 -26.13 9.62
CA GLU C 77 -31.14 -27.29 10.43
C GLU C 77 -29.63 -27.40 10.53
N LYS C 78 -29.16 -28.10 11.54
CA LYS C 78 -27.74 -28.27 11.80
C LYS C 78 -27.18 -29.48 11.04
N TYR C 79 -25.95 -29.33 10.54
CA TYR C 79 -25.25 -30.35 9.77
C TYR C 79 -23.91 -30.64 10.42
N PRO C 80 -23.42 -31.88 10.27
CA PRO C 80 -22.03 -32.15 10.65
C PRO C 80 -21.07 -31.32 9.81
N ALA C 81 -19.95 -30.94 10.40
CA ALA C 81 -18.97 -30.08 9.76
C ALA C 81 -17.65 -30.81 9.57
N ILE C 82 -16.92 -30.41 8.53
CA ILE C 82 -15.64 -31.02 8.18
C ILE C 82 -14.63 -29.89 7.97
N LEU C 83 -13.54 -29.91 8.74
CA LEU C 83 -12.41 -29.03 8.51
C LEU C 83 -11.43 -29.72 7.57
N GLN C 84 -11.04 -29.03 6.50
CA GLN C 84 -10.18 -29.61 5.49
C GLN C 84 -8.98 -28.70 5.31
N PHE C 85 -7.78 -29.29 5.32
CA PHE C 85 -6.55 -28.53 5.21
C PHE C 85 -5.74 -29.06 4.03
N HIS C 86 -4.88 -28.19 3.49
CA HIS C 86 -4.23 -28.44 2.21
C HIS C 86 -2.74 -28.68 2.36
N GLY C 87 -2.12 -29.09 1.26
CA GLY C 87 -0.72 -29.47 1.26
C GLY C 87 0.24 -28.29 1.13
N TYR C 88 1.53 -28.62 1.31
CA TYR C 88 2.59 -27.63 1.24
C TYR C 88 2.61 -26.93 -0.11
N HIS C 89 2.76 -25.59 -0.07
CA HIS C 89 2.83 -24.71 -1.22
C HIS C 89 1.46 -24.44 -1.83
N CYS C 90 0.47 -25.29 -1.55
CA CYS C 90 -0.81 -25.26 -2.25
C CYS C 90 -1.77 -24.28 -1.58
N ASP C 91 -3.02 -24.26 -2.06
CA ASP C 91 -4.12 -23.57 -1.42
C ASP C 91 -5.27 -24.53 -1.17
N SER C 92 -6.45 -24.00 -0.80
CA SER C 92 -7.59 -24.84 -0.41
C SER C 92 -8.21 -25.59 -1.57
N GLY C 93 -7.73 -25.41 -2.81
CA GLY C 93 -8.23 -26.18 -3.93
C GLY C 93 -9.46 -25.58 -4.57
N ASP C 94 -9.93 -26.26 -5.62
CA ASP C 94 -11.09 -25.78 -6.36
C ASP C 94 -12.35 -25.82 -5.50
N TRP C 95 -13.19 -24.80 -5.66
CA TRP C 95 -14.45 -24.72 -4.91
C TRP C 95 -15.35 -25.91 -5.23
N VAL C 96 -15.41 -26.31 -6.50
CA VAL C 96 -16.34 -27.36 -6.91
C VAL C 96 -15.99 -28.71 -6.31
N ASP C 97 -14.75 -28.88 -5.83
CA ASP C 97 -14.35 -30.14 -5.22
C ASP C 97 -15.14 -30.47 -3.96
N LYS C 98 -15.77 -29.47 -3.34
CA LYS C 98 -16.51 -29.68 -2.11
C LYS C 98 -17.99 -29.93 -2.33
N ILE C 99 -18.47 -29.83 -3.57
CA ILE C 99 -19.91 -29.91 -3.83
C ILE C 99 -20.46 -31.25 -3.38
N GLY C 100 -19.72 -32.33 -3.64
CA GLY C 100 -20.23 -33.66 -3.32
C GLY C 100 -20.45 -33.90 -1.84
N ILE C 101 -19.44 -33.56 -1.01
CA ILE C 101 -19.54 -33.87 0.41
C ILE C 101 -20.57 -32.98 1.10
N VAL C 102 -20.71 -31.72 0.67
CA VAL C 102 -21.71 -30.86 1.27
C VAL C 102 -23.11 -31.23 0.79
N ALA C 103 -23.23 -31.72 -0.45
CA ALA C 103 -24.54 -32.17 -0.93
C ALA C 103 -25.08 -33.33 -0.10
N GLU C 104 -24.20 -34.09 0.56
CA GLU C 104 -24.61 -35.15 1.45
C GLU C 104 -25.09 -34.63 2.80
N GLY C 105 -25.08 -33.32 3.01
CA GLY C 105 -25.49 -32.75 4.28
C GLY C 105 -24.32 -32.46 5.20
N ASN C 106 -23.32 -31.74 4.71
CA ASN C 106 -22.17 -31.36 5.52
C ASN C 106 -21.78 -29.92 5.23
N VAL C 107 -21.08 -29.31 6.18
CA VAL C 107 -20.50 -27.99 6.05
C VAL C 107 -18.99 -28.15 6.00
N VAL C 108 -18.35 -27.55 4.99
CA VAL C 108 -16.91 -27.67 4.79
C VAL C 108 -16.28 -26.30 5.03
N LEU C 109 -15.25 -26.28 5.87
CA LEU C 109 -14.38 -25.12 6.05
C LEU C 109 -13.00 -25.51 5.56
N ALA C 110 -12.60 -24.94 4.41
CA ALA C 110 -11.30 -25.20 3.81
C ALA C 110 -10.38 -24.03 4.12
N LEU C 111 -9.43 -24.25 5.02
CA LEU C 111 -8.56 -23.19 5.51
C LEU C 111 -7.35 -23.00 4.59
N ASP C 112 -7.02 -21.74 4.34
CA ASP C 112 -5.81 -21.38 3.62
C ASP C 112 -4.68 -21.12 4.61
N CYS C 113 -3.53 -21.73 4.35
CA CYS C 113 -2.35 -21.50 5.17
C CYS C 113 -1.76 -20.13 4.89
N ARG C 114 -1.02 -19.60 5.87
CA ARG C 114 -0.47 -18.26 5.79
C ARG C 114 0.66 -18.19 4.76
N GLY C 115 0.59 -17.19 3.88
CA GLY C 115 1.70 -16.91 2.98
C GLY C 115 2.04 -18.02 2.01
N GLN C 116 1.08 -18.85 1.67
CA GLN C 116 1.38 -19.91 0.70
C GLN C 116 0.63 -19.60 -0.59
N GLY C 117 -0.02 -20.61 -1.15
CA GLY C 117 -0.72 -20.39 -2.38
C GLY C 117 -2.05 -19.69 -2.25
N GLY C 118 -2.65 -19.71 -1.06
CA GLY C 118 -3.94 -19.11 -0.81
C GLY C 118 -3.87 -17.64 -0.46
N LEU C 119 -4.92 -17.17 0.22
CA LEU C 119 -5.10 -15.77 0.52
C LEU C 119 -4.70 -15.37 1.94
N SER C 120 -4.39 -16.34 2.81
CA SER C 120 -4.05 -16.01 4.18
C SER C 120 -2.69 -15.31 4.24
N GLN C 121 -2.58 -14.37 5.18
CA GLN C 121 -1.40 -13.52 5.33
C GLN C 121 -0.40 -14.16 6.28
N ASP C 122 0.88 -14.10 5.90
CA ASP C 122 1.97 -14.46 6.79
C ASP C 122 2.59 -13.18 7.34
N ASN C 123 2.56 -13.03 8.66
CA ASN C 123 3.08 -11.84 9.31
C ASN C 123 4.23 -12.17 10.26
N ILE C 124 4.89 -13.32 10.07
CA ILE C 124 6.07 -13.65 10.85
C ILE C 124 7.19 -12.69 10.48
N GLN C 125 7.82 -12.11 11.50
CA GLN C 125 8.98 -11.25 11.34
C GLN C 125 10.17 -11.86 12.06
N THR C 126 11.34 -11.77 11.45
CA THR C 126 12.52 -12.41 12.02
C THR C 126 13.77 -11.66 11.57
N MET C 127 14.82 -11.83 12.36
CA MET C 127 16.14 -11.32 12.03
C MET C 127 16.98 -12.33 11.25
N GLY C 128 16.44 -13.53 11.03
CA GLY C 128 17.17 -14.59 10.37
C GLY C 128 16.76 -14.86 8.94
N MET C 129 16.93 -16.11 8.51
CA MET C 129 16.77 -16.45 7.10
C MET C 129 15.31 -16.45 6.70
N THR C 130 15.01 -15.75 5.61
CA THR C 130 13.65 -15.71 5.05
C THR C 130 13.60 -16.21 3.61
N MET C 131 14.68 -16.82 3.13
CA MET C 131 14.75 -17.20 1.72
C MET C 131 13.68 -18.24 1.35
N LYS C 132 13.59 -19.31 2.14
CA LYS C 132 12.67 -20.39 1.81
C LYS C 132 12.28 -21.15 3.07
N GLY C 133 11.19 -21.90 2.97
CA GLY C 133 10.77 -22.77 4.06
C GLY C 133 9.92 -22.09 5.10
N LEU C 134 8.84 -22.76 5.53
CA LEU C 134 7.96 -22.21 6.55
C LEU C 134 8.03 -22.98 7.86
N ILE C 135 8.74 -24.12 7.91
CA ILE C 135 8.98 -24.78 9.18
C ILE C 135 9.95 -23.98 10.03
N VAL C 136 10.97 -23.40 9.40
CA VAL C 136 12.04 -22.70 10.11
C VAL C 136 11.88 -21.18 10.04
N ARG C 137 10.77 -20.70 9.50
CA ARG C 137 10.55 -19.25 9.39
C ARG C 137 10.40 -18.66 10.78
N GLY C 138 11.33 -17.79 11.16
CA GLY C 138 11.30 -17.18 12.48
C GLY C 138 12.04 -17.93 13.56
N ILE C 139 12.90 -18.89 13.18
CA ILE C 139 13.55 -19.75 14.17
C ILE C 139 14.52 -18.98 15.08
N ASP C 140 15.05 -17.86 14.63
CA ASP C 140 16.04 -17.13 15.43
C ASP C 140 15.42 -16.57 16.72
N GLU C 141 14.18 -16.12 16.67
CA GLU C 141 13.54 -15.58 17.87
C GLU C 141 12.97 -16.66 18.79
N GLY C 142 13.33 -17.92 18.58
CA GLY C 142 12.83 -18.99 19.42
C GLY C 142 11.54 -19.60 18.90
N TYR C 143 11.14 -20.70 19.56
CA TYR C 143 9.95 -21.43 19.13
C TYR C 143 8.70 -20.57 19.20
N GLU C 144 8.69 -19.56 20.07
CA GLU C 144 7.53 -18.67 20.17
C GLU C 144 7.26 -17.93 18.86
N ASN C 145 8.31 -17.72 18.06
CA ASN C 145 8.19 -17.00 16.79
C ASN C 145 8.09 -17.93 15.59
N LEU C 146 7.95 -19.24 15.82
CA LEU C 146 7.85 -20.17 14.71
C LEU C 146 6.57 -19.95 13.91
N TYR C 147 6.68 -20.12 12.59
CA TYR C 147 5.54 -19.90 11.70
C TYR C 147 4.38 -20.82 12.05
N TYR C 148 4.66 -22.07 12.38
CA TYR C 148 3.58 -23.03 12.62
C TYR C 148 2.90 -22.86 13.97
N VAL C 149 3.49 -22.08 14.88
CA VAL C 149 2.78 -21.74 16.11
C VAL C 149 1.53 -20.95 15.79
N ARG C 150 1.65 -19.95 14.91
CA ARG C 150 0.47 -19.19 14.48
C ARG C 150 -0.40 -20.01 13.54
N GLN C 151 0.21 -20.88 12.72
CA GLN C 151 -0.58 -21.70 11.82
C GLN C 151 -1.41 -22.73 12.58
N PHE C 152 -0.85 -23.30 13.65
CA PHE C 152 -1.62 -24.23 14.47
C PHE C 152 -2.75 -23.51 15.20
N MET C 153 -2.50 -22.29 15.65
CA MET C 153 -3.53 -21.53 16.35
C MET C 153 -4.68 -21.16 15.40
N ASP C 154 -4.39 -21.01 14.10
CA ASP C 154 -5.47 -20.78 13.15
C ASP C 154 -6.41 -21.97 13.09
N LEU C 155 -5.90 -23.19 13.35
CA LEU C 155 -6.76 -24.36 13.38
C LEU C 155 -7.76 -24.28 14.52
N ILE C 156 -7.29 -23.93 15.72
CA ILE C 156 -8.18 -23.77 16.86
C ILE C 156 -9.20 -22.66 16.60
N THR C 157 -8.73 -21.54 16.06
CA THR C 157 -9.63 -20.42 15.76
C THR C 157 -10.67 -20.82 14.72
N ALA C 158 -10.25 -21.52 13.67
CA ALA C 158 -11.21 -21.97 12.66
C ALA C 158 -12.22 -22.94 13.25
N THR C 159 -11.77 -23.82 14.15
CA THR C 159 -12.69 -24.74 14.82
C THR C 159 -13.66 -23.99 15.72
N LYS C 160 -13.17 -22.97 16.44
CA LYS C 160 -14.04 -22.19 17.32
C LYS C 160 -15.13 -21.50 16.51
N ILE C 161 -14.76 -20.82 15.43
CA ILE C 161 -15.75 -20.13 14.61
C ILE C 161 -16.72 -21.13 13.99
N LEU C 162 -16.18 -22.24 13.49
CA LEU C 162 -17.04 -23.24 12.86
C LEU C 162 -18.01 -23.86 13.85
N SER C 163 -17.57 -24.07 15.09
CA SER C 163 -18.43 -24.71 16.09
C SER C 163 -19.58 -23.81 16.53
N GLU C 164 -19.41 -22.48 16.44
CA GLU C 164 -20.41 -21.54 16.90
C GLU C 164 -21.45 -21.17 15.85
N PHE C 165 -21.50 -21.89 14.73
CA PHE C 165 -22.54 -21.63 13.73
C PHE C 165 -23.86 -22.27 14.14
N ASP C 166 -24.96 -21.57 13.83
CA ASP C 166 -26.29 -22.09 14.15
C ASP C 166 -26.71 -23.23 13.24
N PHE C 167 -26.01 -23.44 12.11
CA PHE C 167 -26.31 -24.53 11.20
C PHE C 167 -25.24 -25.62 11.25
N VAL C 168 -24.34 -25.58 12.22
CA VAL C 168 -23.28 -26.57 12.36
C VAL C 168 -23.56 -27.40 13.61
N ASP C 169 -23.70 -28.70 13.41
CA ASP C 169 -23.78 -29.65 14.52
C ASP C 169 -22.40 -29.73 15.18
N GLU C 170 -22.25 -29.04 16.31
CA GLU C 170 -20.95 -28.99 16.97
C GLU C 170 -20.52 -30.35 17.52
N THR C 171 -21.45 -31.29 17.65
CA THR C 171 -21.12 -32.61 18.17
C THR C 171 -20.49 -33.51 17.11
N ASN C 172 -20.59 -33.16 15.83
CA ASN C 172 -20.06 -33.97 14.74
C ASN C 172 -19.17 -33.10 13.85
N ILE C 173 -18.03 -32.69 14.38
CA ILE C 173 -17.02 -31.94 13.65
C ILE C 173 -15.82 -32.85 13.44
N SER C 174 -15.37 -32.96 12.19
CA SER C 174 -14.25 -33.82 11.83
C SER C 174 -13.23 -33.04 11.04
N ALA C 175 -12.04 -33.64 10.86
CA ALA C 175 -10.93 -33.00 10.18
C ALA C 175 -10.32 -33.95 9.17
N GLN C 176 -9.89 -33.40 8.04
CA GLN C 176 -9.29 -34.22 6.98
C GLN C 176 -8.24 -33.38 6.25
N GLY C 177 -7.27 -34.07 5.65
CA GLY C 177 -6.22 -33.41 4.89
C GLY C 177 -5.13 -34.34 4.41
N ALA C 178 -4.32 -33.87 3.46
CA ALA C 178 -3.23 -34.67 2.89
C ALA C 178 -1.91 -33.93 3.05
N SER C 179 -0.85 -34.70 3.36
CA SER C 179 0.50 -34.17 3.53
C SER C 179 0.54 -33.14 4.65
N GLN C 180 0.76 -31.87 4.29
CA GLN C 180 0.62 -30.81 5.28
C GLN C 180 -0.79 -30.77 5.84
N GLY C 181 -1.80 -31.01 5.00
CA GLY C 181 -3.16 -31.07 5.48
C GLY C 181 -3.39 -32.17 6.49
N GLY C 182 -2.72 -33.31 6.30
CA GLY C 182 -2.81 -34.38 7.29
C GLY C 182 -2.21 -33.98 8.62
N ALA C 183 -1.07 -33.30 8.59
CA ALA C 183 -0.47 -32.79 9.83
C ALA C 183 -1.39 -31.78 10.50
N LEU C 184 -1.94 -30.85 9.73
CA LEU C 184 -2.82 -29.84 10.31
C LEU C 184 -4.12 -30.45 10.82
N ALA C 185 -4.63 -31.47 10.12
CA ALA C 185 -5.81 -32.17 10.61
C ALA C 185 -5.53 -32.86 11.94
N VAL C 186 -4.36 -33.50 12.06
CA VAL C 186 -3.99 -34.13 13.32
C VAL C 186 -3.82 -33.07 14.41
N ALA C 187 -3.11 -31.98 14.09
CA ALA C 187 -2.92 -30.92 15.06
C ALA C 187 -4.25 -30.27 15.45
N CYS C 188 -5.17 -30.15 14.49
CA CYS C 188 -6.46 -29.53 14.78
C CYS C 188 -7.26 -30.38 15.78
N ALA C 189 -7.23 -31.69 15.62
CA ALA C 189 -7.95 -32.56 16.56
C ALA C 189 -7.28 -32.60 17.93
N ALA C 190 -5.96 -32.51 17.96
CA ALA C 190 -5.24 -32.53 19.24
C ALA C 190 -5.44 -31.22 20.00
N LEU C 191 -5.40 -30.09 19.30
CA LEU C 191 -5.52 -28.79 19.95
C LEU C 191 -6.97 -28.39 20.21
N SER C 192 -7.93 -29.07 19.59
CA SER C 192 -9.35 -28.88 19.85
C SER C 192 -9.96 -30.27 20.04
N PRO C 193 -9.85 -30.83 21.24
CA PRO C 193 -10.31 -32.21 21.45
C PRO C 193 -11.79 -32.44 21.17
N LEU C 194 -12.58 -31.39 20.97
CA LEU C 194 -13.98 -31.57 20.62
C LEU C 194 -14.13 -32.30 19.28
N ILE C 195 -13.11 -32.24 18.42
CA ILE C 195 -13.15 -32.94 17.14
C ILE C 195 -13.45 -34.41 17.36
N LYS C 196 -14.38 -34.94 16.56
CA LYS C 196 -14.83 -36.32 16.73
C LYS C 196 -14.07 -37.30 15.84
N LYS C 197 -13.65 -36.87 14.65
CA LYS C 197 -13.05 -37.77 13.67
C LYS C 197 -11.95 -37.04 12.91
N VAL C 198 -10.90 -37.76 12.54
CA VAL C 198 -9.81 -37.22 11.74
C VAL C 198 -9.40 -38.25 10.70
N THR C 199 -9.29 -37.81 9.45
CA THR C 199 -8.80 -38.63 8.33
C THR C 199 -7.56 -37.95 7.77
N ALA C 200 -6.38 -38.50 8.10
CA ALA C 200 -5.11 -37.89 7.75
C ALA C 200 -4.37 -38.76 6.72
N THR C 201 -3.91 -38.14 5.64
CA THR C 201 -3.22 -38.82 4.57
C THR C 201 -1.76 -38.36 4.54
N TYR C 202 -0.84 -39.33 4.58
CA TYR C 202 0.61 -39.19 4.80
C TYR C 202 0.97 -37.86 5.46
N PRO C 203 0.66 -37.70 6.75
CA PRO C 203 0.87 -36.40 7.40
C PRO C 203 2.33 -35.99 7.45
N PHE C 204 2.55 -34.68 7.30
CA PHE C 204 3.85 -34.03 7.28
C PHE C 204 4.18 -33.55 8.71
N LEU C 205 5.26 -32.78 8.86
CA LEU C 205 5.55 -32.07 10.11
C LEU C 205 5.69 -33.01 11.30
N SER C 206 6.34 -34.15 11.09
CA SER C 206 6.48 -35.14 12.15
C SER C 206 7.90 -35.68 12.20
N ASP C 207 8.43 -35.78 13.42
CA ASP C 207 9.70 -36.45 13.71
C ASP C 207 10.86 -35.75 12.96
N TYR C 208 10.99 -34.45 13.21
CA TYR C 208 11.97 -33.65 12.48
C TYR C 208 13.37 -34.20 12.64
N ARG C 209 13.72 -34.65 13.86
CA ARG C 209 15.04 -35.19 14.11
C ARG C 209 15.31 -36.44 13.27
N LYS C 210 14.32 -37.33 13.17
CA LYS C 210 14.48 -38.51 12.34
C LYS C 210 14.48 -38.16 10.86
N ALA C 211 13.60 -37.25 10.44
CA ALA C 211 13.55 -36.85 9.04
C ALA C 211 14.89 -36.28 8.60
N TYR C 212 15.58 -35.56 9.49
CA TYR C 212 16.91 -35.08 9.16
C TYR C 212 17.91 -36.23 9.10
N GLU C 213 17.78 -37.20 10.01
CA GLU C 213 18.74 -38.30 10.07
C GLU C 213 18.69 -39.16 8.80
N LEU C 214 17.53 -39.28 8.16
CA LEU C 214 17.41 -40.09 6.96
C LEU C 214 18.07 -39.45 5.74
N GLY C 215 18.46 -38.18 5.81
CA GLY C 215 18.89 -37.46 4.63
C GLY C 215 17.68 -36.89 3.91
N ALA C 216 17.41 -35.60 4.13
CA ALA C 216 16.14 -34.99 3.74
C ALA C 216 16.25 -34.15 2.47
N GLU C 217 17.36 -34.22 1.75
CA GLU C 217 17.55 -33.33 0.59
C GLU C 217 16.50 -33.57 -0.50
N GLU C 218 16.00 -34.80 -0.63
CA GLU C 218 14.95 -35.14 -1.58
C GLU C 218 13.59 -35.32 -0.93
N SER C 219 13.44 -34.99 0.34
CA SER C 219 12.17 -35.13 1.03
C SER C 219 11.53 -33.76 1.19
N ALA C 220 10.31 -33.76 1.74
CA ALA C 220 9.63 -32.51 2.05
C ALA C 220 10.31 -31.77 3.20
N PHE C 221 11.24 -32.42 3.90
CA PHE C 221 11.98 -31.83 5.00
C PHE C 221 13.28 -31.17 4.53
N GLU C 222 13.41 -30.89 3.23
CA GLU C 222 14.67 -30.40 2.69
C GLU C 222 15.11 -29.05 3.28
N GLU C 223 14.18 -28.27 3.84
CA GLU C 223 14.57 -27.03 4.49
C GLU C 223 15.48 -27.27 5.70
N LEU C 224 15.34 -28.43 6.35
CA LEU C 224 16.17 -28.68 7.54
C LEU C 224 17.64 -28.81 7.19
N PRO C 225 18.06 -29.67 6.25
CA PRO C 225 19.49 -29.63 5.85
C PRO C 225 19.86 -28.33 5.18
N TYR C 226 18.91 -27.68 4.49
CA TYR C 226 19.19 -26.38 3.87
C TYR C 226 19.60 -25.35 4.92
N TRP C 227 18.92 -25.35 6.06
CA TRP C 227 19.23 -24.39 7.12
C TRP C 227 20.65 -24.59 7.63
N PHE C 228 21.04 -25.84 7.89
CA PHE C 228 22.41 -26.11 8.32
C PHE C 228 23.42 -25.75 7.24
N GLN C 229 23.07 -25.98 5.97
CA GLN C 229 24.01 -25.71 4.90
C GLN C 229 24.43 -24.24 4.86
N PHE C 230 23.51 -23.33 5.14
CA PHE C 230 23.78 -21.91 5.00
C PHE C 230 23.77 -21.13 6.32
N LYS C 231 23.17 -21.66 7.38
CA LYS C 231 23.15 -20.95 8.66
C LYS C 231 24.09 -21.53 9.71
N ASP C 232 24.41 -22.81 9.63
CA ASP C 232 25.22 -23.44 10.67
C ASP C 232 25.92 -24.68 10.12
N PRO C 233 26.81 -24.54 9.14
CA PRO C 233 27.40 -25.73 8.50
C PRO C 233 28.26 -26.57 9.42
N LEU C 234 28.82 -25.98 10.48
CA LEU C 234 29.61 -26.73 11.45
C LEU C 234 28.78 -27.32 12.56
N HIS C 235 27.45 -27.16 12.50
CA HIS C 235 26.52 -27.69 13.49
C HIS C 235 26.81 -27.15 14.90
N LEU C 236 27.01 -25.83 14.98
CA LEU C 236 27.24 -25.18 16.26
C LEU C 236 25.97 -25.01 17.08
N ARG C 237 24.79 -25.03 16.46
CA ARG C 237 23.53 -24.89 17.18
C ARG C 237 22.56 -26.01 16.83
N GLU C 238 23.08 -27.22 16.64
CA GLU C 238 22.23 -28.34 16.24
C GLU C 238 21.21 -28.67 17.33
N ASP C 239 21.64 -28.73 18.59
CA ASP C 239 20.72 -29.01 19.69
C ASP C 239 19.66 -27.92 19.81
N TRP C 240 20.08 -26.66 19.78
CA TRP C 240 19.12 -25.56 19.89
C TRP C 240 18.13 -25.57 18.72
N PHE C 241 18.61 -25.94 17.53
CA PHE C 241 17.76 -25.91 16.35
C PHE C 241 16.60 -26.88 16.49
N PHE C 242 16.89 -28.14 16.82
CA PHE C 242 15.82 -29.13 16.96
C PHE C 242 15.01 -28.97 18.23
N ASN C 243 15.55 -28.26 19.22
CA ASN C 243 14.76 -27.99 20.42
C ASN C 243 13.62 -27.03 20.15
N GLN C 244 13.81 -26.10 19.22
CA GLN C 244 12.71 -25.20 18.85
C GLN C 244 11.61 -25.94 18.12
N LEU C 245 11.98 -26.87 17.25
CA LEU C 245 10.99 -27.56 16.42
C LEU C 245 10.16 -28.56 17.21
N GLU C 246 10.59 -28.94 18.42
CA GLU C 246 9.80 -29.83 19.26
C GLU C 246 8.39 -29.27 19.48
N TYR C 247 8.27 -27.94 19.57
CA TYR C 247 6.99 -27.31 19.84
C TYR C 247 6.04 -27.36 18.65
N ILE C 248 6.52 -27.73 17.46
CA ILE C 248 5.67 -27.84 16.29
C ILE C 248 5.72 -29.24 15.68
N ASP C 249 6.24 -30.22 16.43
CA ASP C 249 6.27 -31.62 16.00
C ASP C 249 4.96 -32.27 16.41
N ILE C 250 4.15 -32.69 15.42
CA ILE C 250 2.81 -33.18 15.70
C ILE C 250 2.82 -34.47 16.51
N GLN C 251 3.94 -35.20 16.54
CA GLN C 251 4.00 -36.39 17.37
C GLN C 251 3.91 -36.05 18.85
N ASN C 252 4.31 -34.83 19.24
CA ASN C 252 4.16 -34.39 20.62
C ASN C 252 2.72 -34.00 20.93
N LEU C 253 1.92 -33.67 19.91
CA LEU C 253 0.49 -33.41 20.10
C LEU C 253 -0.36 -34.67 20.03
N ALA C 254 0.16 -35.73 19.39
CA ALA C 254 -0.63 -36.94 19.17
C ALA C 254 -1.24 -37.54 20.44
N PRO C 255 -0.57 -37.59 21.59
CA PRO C 255 -1.22 -38.19 22.77
C PRO C 255 -2.52 -37.52 23.18
N ARG C 256 -2.69 -36.23 22.87
CA ARG C 256 -3.87 -35.48 23.31
C ARG C 256 -5.08 -35.69 22.41
N ILE C 257 -5.02 -36.61 21.45
CA ILE C 257 -6.11 -36.81 20.51
C ILE C 257 -7.12 -37.78 21.10
N LYS C 258 -8.39 -37.36 21.09
CA LYS C 258 -9.49 -38.22 21.51
C LYS C 258 -10.39 -38.64 20.36
N ALA C 259 -10.24 -38.01 19.20
CA ALA C 259 -11.03 -38.37 18.03
C ALA C 259 -10.60 -39.71 17.47
N GLU C 260 -11.51 -40.35 16.73
CA GLU C 260 -11.16 -41.52 15.93
C GLU C 260 -10.24 -41.11 14.79
N VAL C 261 -9.21 -41.91 14.55
CA VAL C 261 -8.16 -41.58 13.59
C VAL C 261 -8.17 -42.60 12.46
N ILE C 262 -8.25 -42.12 11.22
CA ILE C 262 -8.01 -42.92 10.03
C ILE C 262 -6.75 -42.38 9.36
N TRP C 263 -5.75 -43.24 9.21
CA TRP C 263 -4.42 -42.87 8.73
C TRP C 263 -4.16 -43.57 7.40
N ILE C 264 -3.90 -42.78 6.36
CA ILE C 264 -3.67 -43.30 5.02
C ILE C 264 -2.31 -42.84 4.53
N LEU C 265 -1.56 -43.76 3.92
CA LEU C 265 -0.25 -43.42 3.38
C LEU C 265 0.07 -44.35 2.21
N GLY C 266 1.06 -43.94 1.42
CA GLY C 266 1.59 -44.73 0.32
C GLY C 266 2.93 -45.33 0.67
N GLY C 267 3.12 -46.61 0.30
CA GLY C 267 4.31 -47.34 0.71
C GLY C 267 5.59 -46.87 0.06
N LYS C 268 5.50 -46.22 -1.11
CA LYS C 268 6.67 -45.75 -1.84
C LYS C 268 6.94 -44.26 -1.61
N ASP C 269 6.38 -43.68 -0.55
CA ASP C 269 6.49 -42.24 -0.32
C ASP C 269 7.90 -41.90 0.13
N THR C 270 8.66 -41.20 -0.71
CA THR C 270 9.94 -40.65 -0.35
C THR C 270 9.87 -39.16 0.00
N VAL C 271 8.76 -38.49 -0.31
CA VAL C 271 8.59 -37.09 0.07
C VAL C 271 8.40 -36.97 1.58
N VAL C 272 7.46 -37.72 2.13
CA VAL C 272 7.24 -37.80 3.56
C VAL C 272 7.44 -39.25 4.00
N PRO C 273 8.62 -39.59 4.50
CA PRO C 273 8.93 -41.00 4.80
C PRO C 273 7.94 -41.60 5.78
N PRO C 274 7.47 -42.82 5.52
CA PRO C 274 6.50 -43.44 6.44
C PRO C 274 7.00 -43.57 7.87
N ILE C 275 8.31 -43.71 8.07
CA ILE C 275 8.83 -43.89 9.42
C ILE C 275 8.59 -42.65 10.27
N THR C 276 8.73 -41.46 9.68
CA THR C 276 8.52 -40.23 10.43
C THR C 276 7.05 -40.00 10.79
N GLN C 277 6.12 -40.38 9.91
CA GLN C 277 4.71 -40.25 10.25
C GLN C 277 4.29 -41.25 11.34
N MET C 278 4.87 -42.45 11.33
CA MET C 278 4.52 -43.44 12.35
C MET C 278 4.94 -43.00 13.74
N ALA C 279 5.89 -42.07 13.86
CA ALA C 279 6.20 -41.49 15.15
C ALA C 279 4.97 -40.83 15.76
N ALA C 280 4.16 -40.19 14.92
CA ALA C 280 2.93 -39.56 15.40
C ALA C 280 1.79 -40.57 15.54
N TYR C 281 1.63 -41.46 14.55
CA TYR C 281 0.53 -42.41 14.59
C TYR C 281 0.65 -43.36 15.78
N ASN C 282 1.86 -43.83 16.08
CA ASN C 282 2.03 -44.77 17.20
C ASN C 282 1.69 -44.15 18.54
N LYS C 283 1.74 -42.82 18.65
CA LYS C 283 1.45 -42.15 19.92
C LYS C 283 -0.01 -41.73 20.03
N ILE C 284 -0.85 -42.07 19.06
CA ILE C 284 -2.28 -41.86 19.18
C ILE C 284 -2.85 -42.96 20.06
N GLN C 285 -3.62 -42.56 21.07
CA GLN C 285 -4.16 -43.49 22.04
C GLN C 285 -5.65 -43.75 21.88
N SER C 286 -6.35 -42.94 21.09
CA SER C 286 -7.77 -43.16 20.82
C SER C 286 -7.90 -44.24 19.74
N LYS C 287 -9.13 -44.47 19.28
CA LYS C 287 -9.37 -45.46 18.25
C LYS C 287 -8.73 -45.01 16.94
N LYS C 288 -7.91 -45.88 16.35
CA LYS C 288 -7.14 -45.52 15.16
C LYS C 288 -7.09 -46.69 14.20
N SER C 289 -7.03 -46.37 12.91
CA SER C 289 -6.89 -47.36 11.85
C SER C 289 -5.86 -46.86 10.84
N LEU C 290 -5.12 -47.79 10.28
CA LEU C 290 -3.98 -47.47 9.42
C LEU C 290 -4.13 -48.21 8.10
N TYR C 291 -4.15 -47.46 6.99
CA TYR C 291 -4.35 -48.01 5.66
C TYR C 291 -3.17 -47.65 4.75
N VAL C 292 -2.68 -48.64 4.00
CA VAL C 292 -1.46 -48.50 3.21
C VAL C 292 -1.73 -48.92 1.77
N LEU C 293 -1.34 -48.07 0.82
CA LEU C 293 -1.29 -48.45 -0.59
C LEU C 293 0.16 -48.66 -0.97
N PRO C 294 0.63 -49.90 -1.14
CA PRO C 294 2.07 -50.14 -1.29
C PRO C 294 2.68 -49.55 -2.55
N GLU C 295 1.96 -49.54 -3.67
CA GLU C 295 2.55 -49.11 -4.94
C GLU C 295 2.49 -47.60 -5.16
N TYR C 296 1.95 -46.83 -4.23
CA TYR C 296 1.79 -45.41 -4.42
C TYR C 296 2.70 -44.60 -3.50
N GLY C 297 3.04 -43.40 -3.96
CA GLY C 297 3.91 -42.52 -3.22
C GLY C 297 3.18 -41.32 -2.67
N HIS C 298 3.79 -40.14 -2.75
CA HIS C 298 3.18 -38.89 -2.29
C HIS C 298 2.30 -38.34 -3.41
N GLU C 299 1.14 -38.98 -3.58
CA GLU C 299 0.28 -38.73 -4.72
C GLU C 299 -1.16 -39.06 -4.34
N TYR C 300 -2.06 -38.89 -5.31
CA TYR C 300 -3.46 -39.25 -5.13
C TYR C 300 -3.58 -40.76 -4.87
N LEU C 301 -4.34 -41.10 -3.84
CA LEU C 301 -4.52 -42.50 -3.45
C LEU C 301 -5.89 -42.98 -3.89
N PRO C 302 -6.00 -43.89 -4.85
CA PRO C 302 -7.30 -44.33 -5.33
C PRO C 302 -7.91 -45.39 -4.44
N LYS C 303 -9.19 -45.67 -4.69
CA LYS C 303 -9.93 -46.77 -4.10
C LYS C 303 -10.19 -46.63 -2.60
N ILE C 304 -9.24 -46.03 -1.86
CA ILE C 304 -9.37 -45.96 -0.41
C ILE C 304 -10.58 -45.12 -0.01
N SER C 305 -10.95 -44.14 -0.84
CA SER C 305 -12.11 -43.30 -0.52
C SER C 305 -13.41 -44.08 -0.62
N ASP C 306 -13.52 -44.97 -1.62
CA ASP C 306 -14.69 -45.83 -1.70
C ASP C 306 -14.73 -46.82 -0.54
N TRP C 307 -13.55 -47.33 -0.14
CA TRP C 307 -13.50 -48.29 0.96
C TRP C 307 -14.02 -47.69 2.26
N LEU C 308 -13.75 -46.41 2.50
CA LEU C 308 -14.16 -45.81 3.77
C LEU C 308 -15.62 -45.37 3.77
N ARG C 309 -16.24 -45.23 2.58
CA ARG C 309 -17.67 -44.98 2.53
C ARG C 309 -18.45 -46.12 3.17
N GLU C 310 -17.92 -47.34 3.10
CA GLU C 310 -18.51 -48.48 3.78
C GLU C 310 -18.15 -48.48 5.26
N GLN D 8 -33.90 31.55 -22.59
CA GLN D 8 -34.56 32.09 -23.78
C GLN D 8 -33.54 32.75 -24.72
N ASP D 9 -33.43 34.08 -24.62
CA ASP D 9 -32.56 34.87 -25.47
C ASP D 9 -31.15 34.98 -24.93
N TYR D 10 -30.86 34.38 -23.78
CA TYR D 10 -29.55 34.47 -23.15
C TYR D 10 -28.49 33.70 -23.96
N GLN D 11 -27.45 34.40 -24.38
CA GLN D 11 -26.40 33.84 -25.22
C GLN D 11 -25.23 33.27 -24.44
N GLY D 12 -25.24 33.35 -23.11
CA GLY D 12 -24.16 32.85 -22.30
C GLY D 12 -23.04 33.87 -22.10
N SER D 13 -22.16 33.55 -21.15
CA SER D 13 -21.04 34.40 -20.77
C SER D 13 -19.70 33.73 -21.03
N SER D 14 -19.64 32.73 -21.91
CA SER D 14 -18.48 31.85 -21.98
C SER D 14 -17.24 32.53 -22.56
N LEU D 15 -17.34 33.07 -23.77
CA LEU D 15 -16.20 33.62 -24.50
C LEU D 15 -15.31 32.45 -24.93
N LYS D 16 -15.82 31.62 -25.82
CA LYS D 16 -15.20 30.38 -26.25
C LYS D 16 -13.82 30.64 -26.86
N PRO D 17 -12.75 30.02 -26.35
CA PRO D 17 -11.43 30.23 -26.94
C PRO D 17 -11.34 29.64 -28.34
N GLU D 18 -10.45 30.23 -29.15
CA GLU D 18 -10.27 29.76 -30.52
C GLU D 18 -9.78 28.32 -30.58
N ASP D 19 -9.00 27.90 -29.59
CA ASP D 19 -8.38 26.57 -29.58
C ASP D 19 -9.29 25.49 -29.00
N PHE D 20 -10.50 25.83 -28.59
CA PHE D 20 -11.35 24.88 -27.86
C PHE D 20 -11.60 23.62 -28.67
N ASP D 21 -12.06 23.77 -29.91
CA ASP D 21 -12.45 22.61 -30.71
C ASP D 21 -11.22 21.79 -31.12
N LYS D 22 -10.10 22.46 -31.41
CA LYS D 22 -8.88 21.74 -31.74
C LYS D 22 -8.43 20.88 -30.57
N PHE D 23 -8.57 21.37 -29.34
CA PHE D 23 -8.17 20.61 -28.17
C PHE D 23 -9.00 19.34 -28.01
N TRP D 24 -10.33 19.46 -28.06
CA TRP D 24 -11.16 18.29 -27.79
C TRP D 24 -11.23 17.33 -28.99
N ASP D 25 -11.04 17.84 -30.20
CA ASP D 25 -10.95 16.92 -31.35
C ASP D 25 -9.77 15.97 -31.18
N GLU D 26 -8.64 16.47 -30.68
CA GLU D 26 -7.49 15.61 -30.44
C GLU D 26 -7.78 14.58 -29.36
N LYS D 27 -8.50 14.99 -28.30
CA LYS D 27 -8.84 14.04 -27.24
C LYS D 27 -9.78 12.95 -27.74
N ILE D 28 -10.71 13.31 -28.62
CA ILE D 28 -11.58 12.30 -29.23
C ILE D 28 -10.76 11.34 -30.09
N ASN D 29 -9.80 11.88 -30.85
CA ASN D 29 -8.95 11.04 -31.69
C ASN D 29 -8.11 10.10 -30.83
N LEU D 30 -7.61 10.59 -29.70
CA LEU D 30 -6.80 9.76 -28.81
C LEU D 30 -7.58 8.58 -28.28
N VAL D 31 -8.83 8.80 -27.87
CA VAL D 31 -9.66 7.72 -27.34
C VAL D 31 -10.00 6.71 -28.43
N SER D 32 -10.29 7.18 -29.64
CA SER D 32 -10.68 6.28 -30.72
C SER D 32 -9.53 5.37 -31.14
N ASN D 33 -8.29 5.85 -31.09
CA ASN D 33 -7.14 5.08 -31.54
C ASN D 33 -6.47 4.28 -30.43
N HIS D 34 -7.05 4.25 -29.23
CA HIS D 34 -6.47 3.51 -28.12
C HIS D 34 -7.26 2.23 -27.90
N GLN D 35 -6.54 1.12 -27.75
CA GLN D 35 -7.14 -0.16 -27.40
C GLN D 35 -7.17 -0.25 -25.89
N PHE D 36 -8.37 -0.14 -25.32
CA PHE D 36 -8.53 -0.09 -23.87
C PHE D 36 -8.68 -1.50 -23.29
N GLU D 37 -8.01 -1.73 -22.17
CA GLU D 37 -8.17 -2.97 -21.43
C GLU D 37 -9.24 -2.77 -20.36
N PHE D 38 -10.22 -3.65 -20.35
CA PHE D 38 -11.32 -3.59 -19.40
C PHE D 38 -11.58 -4.97 -18.84
N GLU D 39 -12.38 -5.02 -17.78
CA GLU D 39 -12.61 -6.27 -17.06
C GLU D 39 -14.02 -6.29 -16.52
N LEU D 40 -14.65 -7.46 -16.55
CA LEU D 40 -16.01 -7.65 -16.06
C LEU D 40 -15.97 -8.64 -14.90
N ILE D 41 -16.51 -8.22 -13.76
CA ILE D 41 -16.61 -9.06 -12.57
C ILE D 41 -18.06 -9.02 -12.12
N GLU D 42 -18.71 -10.19 -12.09
CA GLU D 42 -20.14 -10.24 -11.80
C GLU D 42 -20.41 -9.85 -10.35
N LYS D 43 -21.41 -8.99 -10.15
CA LYS D 43 -21.86 -8.58 -8.83
C LYS D 43 -22.88 -9.59 -8.31
N ASN D 44 -22.71 -9.99 -7.05
CA ASN D 44 -23.54 -11.03 -6.46
C ASN D 44 -24.89 -10.52 -5.98
N LEU D 45 -25.58 -9.75 -6.81
CA LEU D 45 -26.94 -9.32 -6.49
C LEU D 45 -27.90 -10.23 -7.24
N SER D 46 -28.85 -10.81 -6.51
CA SER D 46 -29.73 -11.84 -7.05
C SER D 46 -30.98 -11.19 -7.64
N SER D 47 -31.23 -11.47 -8.92
CA SER D 47 -32.43 -11.01 -9.60
C SER D 47 -32.83 -12.05 -10.63
N LYS D 48 -34.13 -12.11 -10.93
CA LYS D 48 -34.65 -13.07 -11.90
C LYS D 48 -34.64 -12.55 -13.33
N VAL D 49 -34.44 -11.25 -13.54
CA VAL D 49 -34.52 -10.67 -14.87
C VAL D 49 -33.23 -10.00 -15.32
N VAL D 50 -32.27 -9.74 -14.42
CA VAL D 50 -31.06 -9.01 -14.77
C VAL D 50 -29.85 -9.64 -14.12
N ASN D 51 -28.69 -9.38 -14.72
CA ASN D 51 -27.39 -9.70 -14.16
C ASN D 51 -26.61 -8.41 -13.92
N PHE D 52 -25.77 -8.42 -12.90
CA PHE D 52 -25.01 -7.24 -12.48
C PHE D 52 -23.52 -7.52 -12.64
N TYR D 53 -22.78 -6.53 -13.14
CA TYR D 53 -21.36 -6.69 -13.41
C TYR D 53 -20.59 -5.46 -12.98
N HIS D 54 -19.46 -5.68 -12.31
CA HIS D 54 -18.48 -4.63 -12.13
C HIS D 54 -17.70 -4.42 -13.42
N LEU D 55 -17.62 -3.17 -13.88
CA LEU D 55 -16.87 -2.82 -15.08
C LEU D 55 -15.67 -1.98 -14.65
N TRP D 56 -14.48 -2.54 -14.84
CA TRP D 56 -13.23 -1.86 -14.51
C TRP D 56 -12.41 -1.71 -15.78
N PHE D 57 -12.06 -0.48 -16.13
CA PHE D 57 -11.17 -0.23 -17.25
C PHE D 57 -10.07 0.74 -16.81
N THR D 58 -9.00 0.75 -17.60
CA THR D 58 -7.85 1.61 -17.33
C THR D 58 -7.93 2.82 -18.26
N ALA D 59 -7.96 4.01 -17.68
CA ALA D 59 -8.10 5.22 -18.47
C ALA D 59 -6.80 5.51 -19.22
N ILE D 60 -6.87 6.50 -20.11
CA ILE D 60 -5.73 6.86 -20.94
C ILE D 60 -4.56 7.34 -20.08
N ASP D 61 -4.84 7.84 -18.88
CA ASP D 61 -3.82 8.36 -17.99
C ASP D 61 -3.35 7.35 -16.95
N GLY D 62 -3.90 6.14 -16.96
CA GLY D 62 -3.52 5.10 -16.03
C GLY D 62 -4.50 4.88 -14.89
N ALA D 63 -5.38 5.85 -14.64
CA ALA D 63 -6.31 5.74 -13.52
C ALA D 63 -7.29 4.60 -13.74
N LYS D 64 -7.70 3.98 -12.63
CA LYS D 64 -8.61 2.85 -12.66
C LYS D 64 -10.04 3.35 -12.46
N ILE D 65 -10.90 3.12 -13.46
CA ILE D 65 -12.24 3.68 -13.50
C ILE D 65 -13.26 2.55 -13.39
N HIS D 66 -14.29 2.77 -12.57
CA HIS D 66 -15.31 1.77 -12.28
C HIS D 66 -16.67 2.20 -12.82
N ALA D 67 -17.48 1.22 -13.21
CA ALA D 67 -18.84 1.47 -13.67
C ALA D 67 -19.73 0.29 -13.30
N GLN D 68 -21.03 0.57 -13.16
CA GLN D 68 -22.03 -0.47 -12.99
C GLN D 68 -22.57 -0.87 -14.35
N LEU D 69 -22.52 -2.17 -14.67
CA LEU D 69 -23.08 -2.69 -15.90
C LEU D 69 -24.20 -3.66 -15.54
N ILE D 70 -25.42 -3.38 -16.01
CA ILE D 70 -26.59 -4.18 -15.69
C ILE D 70 -27.23 -4.61 -17.01
N VAL D 71 -27.36 -5.91 -17.21
CA VAL D 71 -27.77 -6.50 -18.49
C VAL D 71 -28.90 -7.49 -18.27
N PRO D 72 -29.78 -7.70 -19.26
CA PRO D 72 -30.80 -8.75 -19.13
C PRO D 72 -30.18 -10.14 -19.07
N LYS D 73 -31.03 -11.13 -18.76
CA LYS D 73 -30.56 -12.49 -18.55
C LYS D 73 -30.20 -13.18 -19.86
N ASN D 74 -30.94 -12.91 -20.93
CA ASN D 74 -30.63 -13.49 -22.23
C ASN D 74 -29.43 -12.76 -22.83
N LEU D 75 -28.44 -13.52 -23.27
CA LEU D 75 -27.24 -12.94 -23.85
C LEU D 75 -27.21 -13.07 -25.38
N LYS D 76 -28.21 -13.75 -25.96
CA LYS D 76 -28.34 -13.99 -27.39
C LYS D 76 -28.91 -12.81 -28.17
N GLU D 77 -29.25 -11.69 -27.55
CA GLU D 77 -29.87 -10.59 -28.29
C GLU D 77 -29.14 -9.28 -28.07
N LYS D 78 -29.37 -8.35 -29.01
CA LYS D 78 -28.85 -6.99 -28.97
C LYS D 78 -29.87 -6.07 -28.30
N TYR D 79 -29.38 -5.15 -27.47
CA TYR D 79 -30.28 -4.20 -26.80
C TYR D 79 -29.80 -2.76 -26.96
N PRO D 80 -30.73 -1.81 -26.94
CA PRO D 80 -30.33 -0.40 -26.79
C PRO D 80 -29.68 -0.19 -25.43
N ALA D 81 -28.71 0.73 -25.37
CA ALA D 81 -27.95 0.96 -24.17
C ALA D 81 -28.16 2.38 -23.65
N ILE D 82 -27.99 2.53 -22.34
CA ILE D 82 -28.18 3.81 -21.65
C ILE D 82 -26.96 4.07 -20.78
N LEU D 83 -26.29 5.20 -21.02
CA LEU D 83 -25.24 5.68 -20.14
C LEU D 83 -25.85 6.60 -19.09
N GLN D 84 -25.55 6.32 -17.81
CA GLN D 84 -26.12 7.04 -16.69
C GLN D 84 -25.02 7.58 -15.81
N PHE D 85 -25.12 8.87 -15.46
CA PHE D 85 -24.11 9.57 -14.69
C PHE D 85 -24.75 10.20 -13.45
N HIS D 86 -23.95 10.39 -12.42
CA HIS D 86 -24.45 10.76 -11.10
C HIS D 86 -24.02 12.17 -10.70
N GLY D 87 -24.62 12.63 -9.60
CA GLY D 87 -24.42 13.99 -9.13
C GLY D 87 -23.15 14.19 -8.31
N TYR D 88 -22.87 15.45 -8.01
CA TYR D 88 -21.68 15.83 -7.27
C TYR D 88 -21.65 15.15 -5.91
N HIS D 89 -20.47 14.63 -5.55
CA HIS D 89 -20.17 13.94 -4.29
C HIS D 89 -20.69 12.50 -4.24
N CYS D 90 -21.67 12.16 -5.08
CA CYS D 90 -22.38 10.89 -4.95
C CYS D 90 -21.63 9.78 -5.69
N ASP D 91 -22.26 8.61 -5.77
CA ASP D 91 -21.81 7.52 -6.62
C ASP D 91 -22.96 7.12 -7.56
N SER D 92 -22.77 6.00 -8.27
CA SER D 92 -23.74 5.58 -9.28
C SER D 92 -25.06 5.10 -8.70
N GLY D 93 -25.21 5.06 -7.38
CA GLY D 93 -26.48 4.70 -6.78
C GLY D 93 -26.68 3.22 -6.59
N ASP D 94 -27.83 2.88 -6.02
CA ASP D 94 -28.13 1.48 -5.72
C ASP D 94 -28.29 0.67 -7.01
N TRP D 95 -27.78 -0.57 -6.96
CA TRP D 95 -27.87 -1.45 -8.12
C TRP D 95 -29.32 -1.73 -8.52
N VAL D 96 -30.20 -1.90 -7.53
CA VAL D 96 -31.58 -2.28 -7.80
C VAL D 96 -32.36 -1.19 -8.51
N ASP D 97 -31.86 0.04 -8.50
CA ASP D 97 -32.54 1.13 -9.21
C ASP D 97 -32.59 0.90 -10.71
N LYS D 98 -31.71 0.06 -11.25
CA LYS D 98 -31.63 -0.19 -12.68
C LYS D 98 -32.44 -1.39 -13.14
N ILE D 99 -33.05 -2.13 -12.22
CA ILE D 99 -33.74 -3.36 -12.60
C ILE D 99 -34.89 -3.08 -13.55
N GLY D 100 -35.64 -2.00 -13.28
CA GLY D 100 -36.81 -1.72 -14.08
C GLY D 100 -36.48 -1.37 -15.53
N ILE D 101 -35.52 -0.47 -15.73
CA ILE D 101 -35.21 -0.02 -17.08
C ILE D 101 -34.53 -1.13 -17.87
N VAL D 102 -33.72 -1.97 -17.21
CA VAL D 102 -33.08 -3.09 -17.90
C VAL D 102 -34.08 -4.20 -18.19
N ALA D 103 -35.07 -4.39 -17.31
CA ALA D 103 -36.10 -5.39 -17.55
C ALA D 103 -36.91 -5.08 -18.80
N GLU D 104 -36.97 -3.83 -19.22
CA GLU D 104 -37.66 -3.42 -20.43
C GLU D 104 -36.86 -3.72 -21.69
N GLY D 105 -35.65 -4.29 -21.57
CA GLY D 105 -34.81 -4.56 -22.73
C GLY D 105 -33.79 -3.48 -23.00
N ASN D 106 -33.01 -3.12 -21.98
CA ASN D 106 -31.96 -2.14 -22.12
C ASN D 106 -30.72 -2.59 -21.35
N VAL D 107 -29.58 -2.04 -21.73
CA VAL D 107 -28.32 -2.22 -21.00
C VAL D 107 -27.94 -0.88 -20.39
N VAL D 108 -27.63 -0.88 -19.10
CA VAL D 108 -27.28 0.33 -18.36
C VAL D 108 -25.82 0.27 -17.96
N LEU D 109 -25.08 1.33 -18.27
CA LEU D 109 -23.71 1.53 -17.78
C LEU D 109 -23.75 2.75 -16.87
N ALA D 110 -23.60 2.52 -15.57
CA ALA D 110 -23.61 3.58 -14.56
C ALA D 110 -22.16 3.86 -14.15
N LEU D 111 -21.63 4.98 -14.62
CA LEU D 111 -20.22 5.33 -14.40
C LEU D 111 -20.02 6.02 -13.06
N ASP D 112 -18.95 5.64 -12.37
CA ASP D 112 -18.51 6.32 -11.16
C ASP D 112 -17.51 7.40 -11.53
N CYS D 113 -17.71 8.61 -11.01
CA CYS D 113 -16.75 9.68 -11.24
C CYS D 113 -15.49 9.45 -10.41
N ARG D 114 -14.40 10.05 -10.88
CA ARG D 114 -13.11 9.84 -10.24
C ARG D 114 -13.06 10.50 -8.87
N GLY D 115 -12.64 9.74 -7.85
CA GLY D 115 -12.34 10.31 -6.54
C GLY D 115 -13.49 10.98 -5.83
N GLN D 116 -14.71 10.54 -6.10
CA GLN D 116 -15.93 11.05 -5.47
C GLN D 116 -16.51 9.96 -4.58
N GLY D 117 -17.83 9.71 -4.52
CA GLY D 117 -18.34 8.63 -3.64
C GLY D 117 -18.17 7.22 -4.16
N GLY D 118 -17.88 7.08 -5.44
CA GLY D 118 -17.72 5.78 -6.08
C GLY D 118 -16.33 5.21 -5.93
N LEU D 119 -16.04 4.24 -6.80
CA LEU D 119 -14.81 3.45 -6.74
C LEU D 119 -13.75 3.92 -7.71
N SER D 120 -14.09 4.85 -8.61
CA SER D 120 -13.13 5.30 -9.61
C SER D 120 -12.03 6.14 -8.96
N GLN D 121 -10.84 6.01 -9.52
CA GLN D 121 -9.64 6.64 -8.97
C GLN D 121 -9.43 8.02 -9.57
N ASP D 122 -9.08 8.98 -8.71
CA ASP D 122 -8.63 10.30 -9.13
C ASP D 122 -7.11 10.36 -9.01
N ASN D 123 -6.43 10.63 -10.13
CA ASN D 123 -4.98 10.68 -10.16
C ASN D 123 -4.46 12.04 -10.57
N ILE D 124 -5.26 13.09 -10.42
CA ILE D 124 -4.79 14.45 -10.67
C ILE D 124 -3.73 14.80 -9.64
N GLN D 125 -2.59 15.30 -10.11
CA GLN D 125 -1.53 15.79 -9.25
C GLN D 125 -1.27 17.25 -9.58
N THR D 126 -1.06 18.06 -8.54
CA THR D 126 -0.91 19.49 -8.74
C THR D 126 -0.02 20.07 -7.65
N MET D 127 0.55 21.25 -7.96
CA MET D 127 1.31 22.03 -7.00
C MET D 127 0.44 23.02 -6.24
N GLY D 128 -0.85 23.10 -6.56
CA GLY D 128 -1.75 24.06 -5.96
C GLY D 128 -2.71 23.49 -4.94
N MET D 129 -3.88 24.12 -4.82
CA MET D 129 -4.82 23.79 -3.75
C MET D 129 -5.49 22.44 -4.00
N THR D 130 -5.46 21.58 -2.99
CA THR D 130 -6.11 20.28 -3.05
C THR D 130 -7.16 20.11 -1.95
N MET D 131 -7.49 21.17 -1.22
CA MET D 131 -8.37 21.05 -0.07
C MET D 131 -9.76 20.59 -0.48
N LYS D 132 -10.36 21.25 -1.47
CA LYS D 132 -11.73 20.93 -1.85
C LYS D 132 -11.98 21.32 -3.30
N GLY D 133 -13.05 20.76 -3.85
CA GLY D 133 -13.50 21.10 -5.19
C GLY D 133 -12.81 20.33 -6.29
N LEU D 134 -13.59 19.84 -7.25
CA LEU D 134 -13.06 19.11 -8.38
C LEU D 134 -13.18 19.86 -9.69
N ILE D 135 -13.84 21.02 -9.71
CA ILE D 135 -13.81 21.88 -10.89
C ILE D 135 -12.44 22.51 -11.04
N VAL D 136 -11.82 22.89 -9.92
CA VAL D 136 -10.56 23.63 -9.94
C VAL D 136 -9.37 22.74 -9.58
N ARG D 137 -9.58 21.43 -9.45
CA ARG D 137 -8.49 20.53 -9.08
C ARG D 137 -7.47 20.44 -10.21
N GLY D 138 -6.24 20.89 -9.95
CA GLY D 138 -5.18 20.86 -10.94
C GLY D 138 -5.09 22.07 -11.83
N ILE D 139 -5.78 23.16 -11.49
CA ILE D 139 -5.84 24.33 -12.36
C ILE D 139 -4.49 25.02 -12.50
N ASP D 140 -3.58 24.80 -11.55
CA ASP D 140 -2.31 25.52 -11.56
C ASP D 140 -1.49 25.21 -12.80
N GLU D 141 -1.53 23.97 -13.27
CA GLU D 141 -0.79 23.54 -14.44
C GLU D 141 -1.53 23.82 -15.75
N GLY D 142 -2.57 24.64 -15.71
CA GLY D 142 -3.34 24.95 -16.90
C GLY D 142 -4.50 24.00 -17.09
N TYR D 143 -5.33 24.33 -18.09
CA TYR D 143 -6.54 23.54 -18.35
C TYR D 143 -6.22 22.09 -18.71
N GLU D 144 -5.01 21.82 -19.21
CA GLU D 144 -4.64 20.45 -19.53
C GLU D 144 -4.65 19.55 -18.30
N ASN D 145 -4.43 20.13 -17.12
CA ASN D 145 -4.40 19.36 -15.88
C ASN D 145 -5.71 19.44 -15.11
N LEU D 146 -6.75 20.01 -15.71
CA LEU D 146 -8.03 20.12 -15.03
C LEU D 146 -8.64 18.74 -14.82
N TYR D 147 -9.31 18.58 -13.67
CA TYR D 147 -9.89 17.29 -13.32
C TYR D 147 -10.91 16.82 -14.34
N TYR D 148 -11.75 17.73 -14.85
CA TYR D 148 -12.84 17.33 -15.72
C TYR D 148 -12.41 17.01 -17.15
N VAL D 149 -11.19 17.37 -17.55
CA VAL D 149 -10.68 16.92 -18.85
C VAL D 149 -10.57 15.41 -18.86
N ARG D 150 -10.00 14.84 -17.80
CA ARG D 150 -9.90 13.39 -17.68
C ARG D 150 -11.25 12.76 -17.37
N GLN D 151 -12.11 13.47 -16.63
CA GLN D 151 -13.44 12.96 -16.34
C GLN D 151 -14.30 12.93 -17.60
N PHE D 152 -14.14 13.92 -18.48
CA PHE D 152 -14.85 13.91 -19.76
C PHE D 152 -14.34 12.79 -20.66
N MET D 153 -13.03 12.53 -20.64
CA MET D 153 -12.47 11.47 -21.46
C MET D 153 -12.94 10.10 -21.00
N ASP D 154 -13.26 9.95 -19.72
CA ASP D 154 -13.86 8.71 -19.23
C ASP D 154 -15.23 8.47 -19.85
N LEU D 155 -15.96 9.54 -20.17
CA LEU D 155 -17.25 9.40 -20.83
C LEU D 155 -17.11 8.81 -22.22
N ILE D 156 -16.17 9.35 -23.01
CA ILE D 156 -15.92 8.80 -24.34
C ILE D 156 -15.45 7.36 -24.23
N THR D 157 -14.56 7.08 -23.27
CA THR D 157 -14.07 5.72 -23.08
C THR D 157 -15.21 4.77 -22.72
N ALA D 158 -16.10 5.21 -21.83
CA ALA D 158 -17.25 4.39 -21.48
C ALA D 158 -18.16 4.16 -22.69
N THR D 159 -18.33 5.18 -23.53
CA THR D 159 -19.14 5.03 -24.73
C THR D 159 -18.50 4.06 -25.72
N LYS D 160 -17.19 4.17 -25.93
CA LYS D 160 -16.50 3.28 -26.86
C LYS D 160 -16.63 1.82 -26.42
N ILE D 161 -16.36 1.54 -25.15
CA ILE D 161 -16.46 0.18 -24.65
C ILE D 161 -17.89 -0.33 -24.73
N LEU D 162 -18.86 0.51 -24.35
CA LEU D 162 -20.25 0.09 -24.36
C LEU D 162 -20.74 -0.19 -25.79
N SER D 163 -20.32 0.63 -26.75
CA SER D 163 -20.79 0.47 -28.12
C SER D 163 -20.22 -0.79 -28.78
N GLU D 164 -19.05 -1.25 -28.33
CA GLU D 164 -18.38 -2.39 -28.94
C GLU D 164 -18.80 -3.74 -28.34
N PHE D 165 -19.85 -3.77 -27.52
CA PHE D 165 -20.36 -5.03 -27.01
C PHE D 165 -21.20 -5.73 -28.08
N ASP D 166 -21.11 -7.07 -28.11
CA ASP D 166 -21.87 -7.84 -29.07
C ASP D 166 -23.35 -7.91 -28.75
N PHE D 167 -23.75 -7.52 -27.53
CA PHE D 167 -25.15 -7.50 -27.14
C PHE D 167 -25.70 -6.08 -27.00
N VAL D 168 -24.97 -5.08 -27.48
CA VAL D 168 -25.39 -3.69 -27.40
C VAL D 168 -25.73 -3.21 -28.81
N ASP D 169 -26.98 -2.77 -28.99
CA ASP D 169 -27.39 -2.10 -30.22
C ASP D 169 -26.72 -0.73 -30.26
N GLU D 170 -25.63 -0.62 -31.01
CA GLU D 170 -24.84 0.61 -31.06
C GLU D 170 -25.60 1.77 -31.71
N THR D 171 -26.66 1.48 -32.46
CA THR D 171 -27.44 2.53 -33.11
C THR D 171 -28.39 3.24 -32.17
N ASN D 172 -28.64 2.69 -30.98
CA ASN D 172 -29.58 3.24 -30.02
C ASN D 172 -28.87 3.40 -28.67
N ILE D 173 -27.94 4.35 -28.62
CA ILE D 173 -27.21 4.68 -27.39
C ILE D 173 -27.72 6.04 -26.90
N SER D 174 -28.10 6.10 -25.63
CA SER D 174 -28.60 7.32 -25.02
C SER D 174 -27.83 7.60 -23.74
N ALA D 175 -28.01 8.82 -23.23
CA ALA D 175 -27.31 9.29 -22.04
C ALA D 175 -28.31 9.94 -21.09
N GLN D 176 -28.09 9.75 -19.79
CA GLN D 176 -28.97 10.29 -18.76
C GLN D 176 -28.14 10.71 -17.56
N GLY D 177 -28.68 11.65 -16.79
CA GLY D 177 -28.05 12.09 -15.57
C GLY D 177 -28.72 13.28 -14.94
N ALA D 178 -28.44 13.52 -13.66
CA ALA D 178 -28.99 14.64 -12.91
C ALA D 178 -27.86 15.48 -12.33
N SER D 179 -28.04 16.80 -12.36
CA SER D 179 -27.06 17.73 -11.81
C SER D 179 -25.72 17.57 -12.51
N GLN D 180 -24.72 17.04 -11.79
CA GLN D 180 -23.47 16.68 -12.43
C GLN D 180 -23.69 15.63 -13.51
N GLY D 181 -24.58 14.66 -13.25
CA GLY D 181 -24.88 13.66 -14.24
C GLY D 181 -25.47 14.24 -15.50
N GLY D 182 -26.31 15.28 -15.37
CA GLY D 182 -26.83 15.95 -16.53
C GLY D 182 -25.74 16.64 -17.33
N ALA D 183 -24.80 17.28 -16.63
CA ALA D 183 -23.65 17.89 -17.29
C ALA D 183 -22.83 16.84 -18.03
N LEU D 184 -22.53 15.73 -17.36
CA LEU D 184 -21.78 14.66 -17.99
C LEU D 184 -22.57 14.00 -19.11
N ALA D 185 -23.89 13.89 -18.94
CA ALA D 185 -24.73 13.38 -20.02
C ALA D 185 -24.66 14.28 -21.24
N VAL D 186 -24.70 15.60 -21.03
CA VAL D 186 -24.58 16.55 -22.14
C VAL D 186 -23.22 16.43 -22.80
N ALA D 187 -22.16 16.41 -21.98
CA ALA D 187 -20.80 16.32 -22.53
C ALA D 187 -20.60 15.01 -23.29
N CYS D 188 -21.21 13.93 -22.83
CA CYS D 188 -21.04 12.63 -23.49
C CYS D 188 -21.59 12.66 -24.92
N ALA D 189 -22.75 13.30 -25.12
CA ALA D 189 -23.31 13.38 -26.47
C ALA D 189 -22.50 14.30 -27.36
N ALA D 190 -21.91 15.35 -26.79
CA ALA D 190 -21.09 16.25 -27.61
C ALA D 190 -19.81 15.58 -28.04
N LEU D 191 -19.18 14.82 -27.14
CA LEU D 191 -17.91 14.16 -27.43
C LEU D 191 -18.07 12.83 -28.14
N SER D 192 -19.28 12.25 -28.15
CA SER D 192 -19.57 11.02 -28.89
C SER D 192 -20.87 11.23 -29.66
N PRO D 193 -20.80 11.84 -30.84
CA PRO D 193 -22.03 12.19 -31.57
C PRO D 193 -22.91 11.00 -31.98
N LEU D 194 -22.42 9.76 -31.85
CA LEU D 194 -23.28 8.62 -32.17
C LEU D 194 -24.50 8.53 -31.26
N ILE D 195 -24.41 9.11 -30.05
CA ILE D 195 -25.50 9.07 -29.10
C ILE D 195 -26.77 9.65 -29.74
N LYS D 196 -27.88 8.96 -29.54
CA LYS D 196 -29.14 9.31 -30.19
C LYS D 196 -30.01 10.24 -29.35
N LYS D 197 -29.99 10.11 -28.03
CA LYS D 197 -30.90 10.86 -27.19
C LYS D 197 -30.21 11.19 -25.87
N VAL D 198 -30.58 12.34 -25.30
CA VAL D 198 -30.03 12.79 -24.03
C VAL D 198 -31.17 13.27 -23.14
N THR D 199 -31.19 12.77 -21.90
CA THR D 199 -32.13 13.24 -20.88
C THR D 199 -31.30 13.80 -19.73
N ALA D 200 -31.18 15.11 -19.68
CA ALA D 200 -30.34 15.79 -18.70
C ALA D 200 -31.22 16.61 -17.76
N THR D 201 -31.02 16.42 -16.46
CA THR D 201 -31.80 17.09 -15.43
C THR D 201 -30.92 18.08 -14.67
N TYR D 202 -31.40 19.34 -14.58
CA TYR D 202 -30.68 20.53 -14.12
C TYR D 202 -29.17 20.37 -14.22
N PRO D 203 -28.61 20.35 -15.44
CA PRO D 203 -27.18 20.08 -15.60
C PRO D 203 -26.30 21.15 -14.96
N PHE D 204 -25.18 20.69 -14.41
CA PHE D 204 -24.18 21.50 -13.72
C PHE D 204 -23.08 21.87 -14.73
N LEU D 205 -21.97 22.44 -14.24
CA LEU D 205 -20.76 22.64 -15.03
C LEU D 205 -21.00 23.52 -16.25
N SER D 206 -21.81 24.56 -16.09
CA SER D 206 -22.15 25.43 -17.22
C SER D 206 -22.08 26.89 -16.79
N ASP D 207 -21.50 27.72 -17.66
CA ASP D 207 -21.51 29.17 -17.52
C ASP D 207 -20.81 29.62 -16.24
N TYR D 208 -19.55 29.20 -16.09
CA TYR D 208 -18.81 29.45 -14.85
C TYR D 208 -18.71 30.93 -14.54
N ARG D 209 -18.44 31.76 -15.55
CA ARG D 209 -18.31 33.20 -15.31
C ARG D 209 -19.61 33.79 -14.76
N LYS D 210 -20.75 33.38 -15.31
CA LYS D 210 -22.02 33.87 -14.80
C LYS D 210 -22.31 33.30 -13.41
N ALA D 211 -22.02 32.01 -13.20
CA ALA D 211 -22.25 31.41 -11.89
C ALA D 211 -21.46 32.14 -10.80
N TYR D 212 -20.26 32.62 -11.13
CA TYR D 212 -19.51 33.42 -10.18
C TYR D 212 -20.14 34.79 -10.00
N GLU D 213 -20.62 35.41 -11.09
CA GLU D 213 -21.18 36.75 -11.02
C GLU D 213 -22.44 36.79 -10.16
N LEU D 214 -23.21 35.70 -10.15
CA LEU D 214 -24.44 35.63 -9.37
C LEU D 214 -24.19 35.57 -7.87
N GLY D 215 -22.96 35.32 -7.44
CA GLY D 215 -22.69 35.04 -6.04
C GLY D 215 -22.93 33.57 -5.74
N ALA D 216 -21.85 32.78 -5.73
CA ALA D 216 -21.96 31.33 -5.73
C ALA D 216 -21.72 30.71 -4.36
N GLU D 217 -21.65 31.51 -3.30
CA GLU D 217 -21.31 30.96 -1.99
C GLU D 217 -22.33 29.92 -1.51
N GLU D 218 -23.59 30.06 -1.92
CA GLU D 218 -24.63 29.12 -1.53
C GLU D 218 -25.05 28.21 -2.68
N SER D 219 -24.35 28.25 -3.80
CA SER D 219 -24.67 27.41 -4.95
C SER D 219 -23.67 26.25 -5.04
N ALA D 220 -23.91 25.37 -6.00
CA ALA D 220 -22.97 24.28 -6.27
C ALA D 220 -21.66 24.77 -6.85
N PHE D 221 -21.59 26.04 -7.27
CA PHE D 221 -20.39 26.65 -7.82
C PHE D 221 -19.54 27.31 -6.74
N GLU D 222 -19.76 26.99 -5.47
CA GLU D 222 -19.08 27.68 -4.38
C GLU D 222 -17.56 27.52 -4.45
N GLU D 223 -17.05 26.52 -5.17
CA GLU D 223 -15.61 26.37 -5.29
C GLU D 223 -14.96 27.59 -5.96
N LEU D 224 -15.68 28.26 -6.87
CA LEU D 224 -15.07 29.40 -7.56
C LEU D 224 -14.84 30.59 -6.63
N PRO D 225 -15.83 31.08 -5.86
CA PRO D 225 -15.49 32.14 -4.89
C PRO D 225 -14.51 31.66 -3.83
N TYR D 226 -14.58 30.36 -3.47
CA TYR D 226 -13.64 29.81 -2.50
C TYR D 226 -12.20 29.90 -3.01
N TRP D 227 -11.97 29.60 -4.29
CA TRP D 227 -10.62 29.64 -4.82
C TRP D 227 -10.04 31.05 -4.75
N PHE D 228 -10.84 32.05 -5.14
CA PHE D 228 -10.36 33.43 -5.04
C PHE D 228 -10.17 33.84 -3.59
N GLN D 229 -11.04 33.36 -2.69
CA GLN D 229 -10.97 33.78 -1.29
C GLN D 229 -9.63 33.41 -0.66
N PHE D 230 -9.08 32.25 -1.02
CA PHE D 230 -7.87 31.76 -0.37
C PHE D 230 -6.63 31.72 -1.26
N LYS D 231 -6.81 31.73 -2.59
CA LYS D 231 -5.66 31.71 -3.50
C LYS D 231 -5.39 33.04 -4.19
N ASP D 232 -6.40 33.90 -4.34
CA ASP D 232 -6.21 35.13 -5.10
C ASP D 232 -7.25 36.17 -4.68
N PRO D 233 -7.22 36.63 -3.42
CA PRO D 233 -8.29 37.53 -2.95
C PRO D 233 -8.32 38.88 -3.64
N LEU D 234 -7.20 39.35 -4.19
CA LEU D 234 -7.17 40.60 -4.92
C LEU D 234 -7.50 40.44 -6.40
N HIS D 235 -7.85 39.21 -6.82
CA HIS D 235 -8.21 38.94 -8.21
C HIS D 235 -7.07 39.29 -9.16
N LEU D 236 -5.86 38.89 -8.80
CA LEU D 236 -4.70 39.13 -9.65
C LEU D 236 -4.65 38.17 -10.83
N ARG D 237 -5.39 37.06 -10.76
CA ARG D 237 -5.38 36.04 -11.81
C ARG D 237 -6.80 35.72 -12.27
N GLU D 238 -7.69 36.72 -12.26
CA GLU D 238 -9.09 36.46 -12.57
C GLU D 238 -9.27 36.02 -14.02
N ASP D 239 -8.67 36.75 -14.96
CA ASP D 239 -8.81 36.38 -16.37
C ASP D 239 -8.21 35.00 -16.66
N TRP D 240 -7.00 34.76 -16.15
CA TRP D 240 -6.37 33.46 -16.36
C TRP D 240 -7.18 32.34 -15.75
N PHE D 241 -7.82 32.60 -14.59
CA PHE D 241 -8.57 31.55 -13.90
C PHE D 241 -9.75 31.09 -14.75
N PHE D 242 -10.57 32.02 -15.23
CA PHE D 242 -11.75 31.66 -16.02
C PHE D 242 -11.39 31.21 -17.43
N ASN D 243 -10.20 31.55 -17.93
CA ASN D 243 -9.78 31.04 -19.23
C ASN D 243 -9.49 29.54 -19.18
N GLN D 244 -9.04 29.04 -18.03
CA GLN D 244 -8.81 27.61 -17.90
C GLN D 244 -10.12 26.82 -17.92
N LEU D 245 -11.15 27.36 -17.26
CA LEU D 245 -12.42 26.66 -17.12
C LEU D 245 -13.20 26.60 -18.43
N GLU D 246 -12.81 27.40 -19.43
CA GLU D 246 -13.48 27.40 -20.72
C GLU D 246 -13.49 26.00 -21.33
N TYR D 247 -12.41 25.24 -21.13
CA TYR D 247 -12.26 23.93 -21.73
C TYR D 247 -13.16 22.88 -21.09
N ILE D 248 -13.76 23.16 -19.93
CA ILE D 248 -14.65 22.23 -19.27
C ILE D 248 -16.04 22.82 -19.05
N ASP D 249 -16.36 23.92 -19.74
CA ASP D 249 -17.70 24.50 -19.71
C ASP D 249 -18.53 23.84 -20.81
N ILE D 250 -19.56 23.10 -20.43
CA ILE D 250 -20.33 22.31 -21.39
C ILE D 250 -21.06 23.18 -22.40
N GLN D 251 -21.26 24.47 -22.09
CA GLN D 251 -21.89 25.34 -23.07
C GLN D 251 -21.03 25.52 -24.31
N ASN D 252 -19.71 25.35 -24.18
CA ASN D 252 -18.83 25.35 -25.35
C ASN D 252 -18.91 24.05 -26.14
N LEU D 253 -19.34 22.96 -25.50
CA LEU D 253 -19.55 21.69 -26.18
C LEU D 253 -20.94 21.56 -26.80
N ALA D 254 -21.90 22.35 -26.32
CA ALA D 254 -23.29 22.23 -26.79
C ALA D 254 -23.47 22.26 -28.29
N PRO D 255 -22.79 23.11 -29.07
CA PRO D 255 -23.02 23.11 -30.52
C PRO D 255 -22.74 21.77 -31.19
N ARG D 256 -21.87 20.95 -30.62
CA ARG D 256 -21.49 19.69 -31.25
C ARG D 256 -22.46 18.55 -30.97
N ILE D 257 -23.59 18.82 -30.32
CA ILE D 257 -24.55 17.76 -29.99
C ILE D 257 -25.50 17.56 -31.17
N LYS D 258 -25.64 16.32 -31.59
CA LYS D 258 -26.59 15.96 -32.64
C LYS D 258 -27.75 15.12 -32.12
N ALA D 259 -27.65 14.61 -30.90
CA ALA D 259 -28.72 13.82 -30.30
C ALA D 259 -29.91 14.70 -29.95
N GLU D 260 -31.07 14.07 -29.85
CA GLU D 260 -32.23 14.76 -29.28
C GLU D 260 -32.00 15.01 -27.80
N VAL D 261 -32.38 16.19 -27.33
CA VAL D 261 -32.11 16.62 -25.96
C VAL D 261 -33.42 16.84 -25.23
N ILE D 262 -33.55 16.20 -24.07
CA ILE D 262 -34.62 16.48 -23.12
C ILE D 262 -33.99 17.11 -21.88
N TRP D 263 -34.41 18.33 -21.55
CA TRP D 263 -33.82 19.13 -20.49
C TRP D 263 -34.89 19.35 -19.42
N ILE D 264 -34.60 18.93 -18.20
CA ILE D 264 -35.53 19.00 -17.08
C ILE D 264 -34.90 19.84 -15.97
N LEU D 265 -35.68 20.73 -15.38
CA LEU D 265 -35.18 21.55 -14.28
C LEU D 265 -36.31 21.92 -13.34
N GLY D 266 -35.93 22.34 -12.14
CA GLY D 266 -36.85 22.85 -11.14
C GLY D 266 -36.73 24.36 -11.03
N GLY D 267 -37.88 25.03 -10.94
CA GLY D 267 -37.91 26.49 -11.00
C GLY D 267 -37.30 27.20 -9.81
N LYS D 268 -37.25 26.57 -8.64
CA LYS D 268 -36.72 27.21 -7.44
C LYS D 268 -35.29 26.78 -7.13
N ASP D 269 -34.57 26.23 -8.12
CA ASP D 269 -33.23 25.70 -7.88
C ASP D 269 -32.24 26.83 -7.66
N THR D 270 -31.71 26.93 -6.44
CA THR D 270 -30.60 27.83 -6.15
C THR D 270 -29.26 27.12 -6.13
N VAL D 271 -29.25 25.79 -6.14
CA VAL D 271 -27.99 25.04 -6.19
C VAL D 271 -27.32 25.20 -7.55
N VAL D 272 -28.07 24.96 -8.61
CA VAL D 272 -27.62 25.18 -9.98
C VAL D 272 -28.57 26.19 -10.63
N PRO D 273 -28.19 27.47 -10.66
CA PRO D 273 -29.11 28.50 -11.14
C PRO D 273 -29.56 28.23 -12.57
N PRO D 274 -30.85 28.35 -12.84
CA PRO D 274 -31.35 28.05 -14.20
C PRO D 274 -30.70 28.89 -15.29
N ILE D 275 -30.26 30.11 -14.98
CA ILE D 275 -29.66 30.97 -16.00
C ILE D 275 -28.37 30.36 -16.54
N THR D 276 -27.58 29.73 -15.65
CA THR D 276 -26.36 29.06 -16.10
C THR D 276 -26.68 27.82 -16.93
N GLN D 277 -27.78 27.13 -16.63
CA GLN D 277 -28.15 25.97 -17.44
C GLN D 277 -28.57 26.38 -18.84
N MET D 278 -29.30 27.50 -18.95
CA MET D 278 -29.78 27.95 -20.25
C MET D 278 -28.67 28.41 -21.17
N ALA D 279 -27.50 28.76 -20.63
CA ALA D 279 -26.35 29.06 -21.48
C ALA D 279 -25.99 27.88 -22.37
N ALA D 280 -26.10 26.66 -21.83
CA ALA D 280 -25.79 25.47 -22.62
C ALA D 280 -26.98 25.02 -23.47
N TYR D 281 -28.18 25.04 -22.88
CA TYR D 281 -29.36 24.57 -23.61
C TYR D 281 -29.64 25.43 -24.84
N ASN D 282 -29.50 26.76 -24.70
CA ASN D 282 -29.77 27.66 -25.81
C ASN D 282 -28.79 27.48 -26.96
N LYS D 283 -27.59 26.94 -26.70
CA LYS D 283 -26.60 26.72 -27.74
C LYS D 283 -26.68 25.33 -28.35
N ILE D 284 -27.64 24.52 -27.93
CA ILE D 284 -27.90 23.24 -28.58
C ILE D 284 -28.70 23.50 -29.85
N GLN D 285 -28.25 22.94 -30.96
CA GLN D 285 -28.86 23.19 -32.26
C GLN D 285 -29.69 22.01 -32.78
N SER D 286 -29.57 20.84 -32.17
CA SER D 286 -30.38 19.69 -32.56
C SER D 286 -31.77 19.81 -31.94
N LYS D 287 -32.60 18.78 -32.10
CA LYS D 287 -33.94 18.79 -31.53
C LYS D 287 -33.85 18.76 -30.01
N LYS D 288 -34.52 19.73 -29.37
CA LYS D 288 -34.43 19.89 -27.92
C LYS D 288 -35.78 20.28 -27.36
N SER D 289 -36.02 19.86 -26.12
CA SER D 289 -37.24 20.18 -25.38
C SER D 289 -36.88 20.52 -23.95
N LEU D 290 -37.65 21.43 -23.35
CA LEU D 290 -37.37 21.95 -22.02
C LEU D 290 -38.61 21.77 -21.15
N TYR D 291 -38.44 21.06 -20.03
CA TYR D 291 -39.54 20.80 -19.10
C TYR D 291 -39.16 21.35 -17.74
N VAL D 292 -40.09 22.06 -17.10
CA VAL D 292 -39.84 22.81 -15.88
C VAL D 292 -40.88 22.44 -14.84
N LEU D 293 -40.42 22.12 -13.63
CA LEU D 293 -41.31 22.01 -12.49
C LEU D 293 -41.11 23.24 -11.61
N PRO D 294 -42.05 24.19 -11.62
CA PRO D 294 -41.77 25.48 -10.96
C PRO D 294 -41.60 25.42 -9.47
N GLU D 295 -42.32 24.55 -8.75
CA GLU D 295 -42.26 24.53 -7.29
C GLU D 295 -41.11 23.70 -6.74
N TYR D 296 -40.28 23.10 -7.58
CA TYR D 296 -39.23 22.22 -7.11
C TYR D 296 -37.86 22.84 -7.36
N GLY D 297 -36.89 22.43 -6.53
CA GLY D 297 -35.55 22.93 -6.71
C GLY D 297 -34.59 21.85 -7.17
N HIS D 298 -33.42 21.78 -6.54
CA HIS D 298 -32.42 20.78 -6.87
C HIS D 298 -32.69 19.48 -6.11
N GLU D 299 -33.71 18.77 -6.57
CA GLU D 299 -34.25 17.63 -5.83
C GLU D 299 -34.90 16.65 -6.80
N TYR D 300 -35.46 15.57 -6.24
CA TYR D 300 -36.19 14.61 -7.06
C TYR D 300 -37.39 15.30 -7.71
N LEU D 301 -37.54 15.11 -9.01
CA LEU D 301 -38.60 15.74 -9.77
C LEU D 301 -39.67 14.71 -10.10
N PRO D 302 -40.86 14.80 -9.51
CA PRO D 302 -41.88 13.78 -9.76
C PRO D 302 -42.63 14.02 -11.06
N LYS D 303 -43.43 13.03 -11.45
CA LYS D 303 -44.38 13.11 -12.56
C LYS D 303 -43.71 13.20 -13.93
N ILE D 304 -42.56 13.88 -14.02
CA ILE D 304 -41.93 14.12 -15.31
C ILE D 304 -41.50 12.81 -15.97
N SER D 305 -41.16 11.80 -15.17
CA SER D 305 -40.74 10.53 -15.75
C SER D 305 -41.91 9.82 -16.41
N ASP D 306 -43.10 9.90 -15.80
CA ASP D 306 -44.29 9.34 -16.44
C ASP D 306 -44.70 10.15 -17.67
N TRP D 307 -44.58 11.48 -17.61
CA TRP D 307 -44.95 12.31 -18.75
C TRP D 307 -44.11 12.02 -19.99
N LEU D 308 -42.81 11.75 -19.80
CA LEU D 308 -41.96 11.54 -20.96
C LEU D 308 -42.08 10.13 -21.54
N ARG D 309 -42.88 9.27 -20.92
CA ARG D 309 -43.14 7.95 -21.49
C ARG D 309 -43.69 8.04 -22.91
N GLU D 310 -44.45 9.10 -23.20
CA GLU D 310 -45.01 9.28 -24.54
C GLU D 310 -43.98 9.75 -25.55
N ASN D 311 -43.00 10.55 -25.11
CA ASN D 311 -42.07 11.18 -26.04
C ASN D 311 -41.06 10.19 -26.61
CA CA E . 30.76 -14.35 12.09
CA CA F . -11.09 -17.14 -5.04
CA CA G . -20.41 -2.51 -4.69
#